data_4EJ7
#
_entry.id   4EJ7
#
_cell.length_a   85.363
_cell.length_b   152.466
_cell.length_c   165.569
_cell.angle_alpha   90.00
_cell.angle_beta   90.00
_cell.angle_gamma   90.00
#
_symmetry.space_group_name_H-M   'C 2 2 21'
#
loop_
_entity.id
_entity.type
_entity.pdbx_description
1 polymer "Aminoglycoside 3'-phosphotransferase AphA1-IAB"
2 non-polymer "ADENOSINE-5'-TRIPHOSPHATE"
3 non-polymer 'CALCIUM ION'
4 non-polymer DI(HYDROXYETHYL)ETHER
5 water water
#
_entity_poly.entity_id   1
_entity_poly.type   'polypeptide(L)'
_entity_poly.pdbx_seq_one_letter_code
;(MSE)GSSHHHHHHSSGRENLYFQG(MSE)SHIQRETSCSRPRLNSNLDADLYGYRWARDNVGQSGATIYRLYGKPNAPE
LFLKHGKGSVANDVTDE(MSE)VRLNWLTAF(MSE)PLPTIKHFIRTPDDAWLLTTAIPGKTAFQVLEEYPDSGENIVDA
LAVFLRRLHSIPVCNCPFNSDRVFRLAQAQSR(MSE)NNGLVDASDFDDERNGWPVEQVWKE(MSE)HKLLPFSPDSVVT
HGDFSLDNLIFDEGKLIGCIDVGRVGIADRYQDLAILWNCLGEFSPSLQKRLFQKYGIDNPD(MSE)NKLQFHL(MSE)L
DEFF
;
_entity_poly.pdbx_strand_id   A,B,C
#
# COMPACT_ATOMS: atom_id res chain seq x y z
N SER A 23 -8.16 -56.40 39.52
CA SER A 23 -7.64 -57.60 38.89
C SER A 23 -6.18 -57.85 39.29
N HIS A 24 -5.26 -57.62 38.35
CA HIS A 24 -3.85 -57.89 38.58
C HIS A 24 -3.02 -56.63 38.76
N ILE A 25 -2.69 -55.96 37.66
CA ILE A 25 -1.89 -54.75 37.71
C ILE A 25 -2.77 -53.49 37.75
N GLN A 26 -2.41 -52.56 38.62
CA GLN A 26 -3.12 -51.30 38.74
C GLN A 26 -2.95 -50.47 37.47
N ARG A 27 -4.01 -49.77 37.06
CA ARG A 27 -3.96 -48.91 35.88
C ARG A 27 -2.92 -47.81 36.05
N GLU A 28 -2.84 -47.27 37.26
CA GLU A 28 -1.90 -46.20 37.56
C GLU A 28 -1.12 -46.51 38.83
N THR A 29 0.15 -46.15 38.84
CA THR A 29 1.04 -46.48 39.96
C THR A 29 1.64 -45.21 40.55
N SER A 30 1.39 -45.00 41.84
CA SER A 30 1.96 -43.87 42.56
C SER A 30 3.48 -43.86 42.44
N CYS A 31 4.03 -42.77 41.92
CA CYS A 31 5.47 -42.63 41.74
C CYS A 31 5.95 -41.27 42.20
N SER A 32 7.22 -40.98 41.97
CA SER A 32 7.77 -39.66 42.26
C SER A 32 7.80 -38.78 41.02
N ARG A 33 8.26 -37.54 41.19
CA ARG A 33 8.30 -36.57 40.11
C ARG A 33 9.44 -36.87 39.13
N PRO A 34 9.11 -36.97 37.84
CA PRO A 34 10.12 -37.20 36.81
C PRO A 34 10.95 -35.95 36.57
N ARG A 35 12.18 -36.12 36.13
CA ARG A 35 13.03 -34.98 35.80
C ARG A 35 12.46 -34.26 34.58
N LEU A 36 12.27 -32.95 34.71
CA LEU A 36 11.71 -32.17 33.61
C LEU A 36 12.80 -31.70 32.65
N ASN A 37 12.38 -31.05 31.57
CA ASN A 37 13.32 -30.61 30.53
C ASN A 37 14.04 -29.32 30.89
N SER A 38 15.22 -29.13 30.30
CA SER A 38 15.96 -27.89 30.46
C SER A 38 15.27 -26.79 29.65
N ASN A 39 15.02 -25.66 30.30
CA ASN A 39 14.25 -24.59 29.68
C ASN A 39 15.10 -23.66 28.80
N LEU A 40 14.49 -22.58 28.35
CA LEU A 40 15.17 -21.61 27.49
C LEU A 40 16.30 -20.89 28.21
N ASP A 41 16.12 -20.69 29.52
CA ASP A 41 17.09 -19.94 30.32
C ASP A 41 18.48 -20.54 30.25
N ALA A 42 18.55 -21.87 30.21
CA ALA A 42 19.83 -22.56 30.16
C ALA A 42 20.51 -22.39 28.80
N ASP A 43 19.71 -22.24 27.75
CA ASP A 43 20.22 -22.16 26.39
C ASP A 43 20.49 -20.73 25.95
N LEU A 44 19.54 -19.84 26.20
CA LEU A 44 19.59 -18.49 25.67
C LEU A 44 20.64 -17.59 26.34
N TYR A 45 21.29 -18.11 27.38
CA TYR A 45 22.30 -17.34 28.10
C TYR A 45 23.52 -17.05 27.21
N GLY A 46 23.98 -15.80 27.25
CA GLY A 46 25.17 -15.40 26.52
C GLY A 46 24.89 -14.78 25.17
N TYR A 47 23.63 -14.81 24.75
CA TYR A 47 23.26 -14.26 23.45
C TYR A 47 22.97 -12.77 23.49
N ARG A 48 23.32 -12.08 22.40
CA ARG A 48 22.91 -10.69 22.21
C ARG A 48 21.61 -10.68 21.42
N TRP A 49 20.80 -9.66 21.64
CA TRP A 49 19.46 -9.61 21.06
C TRP A 49 19.27 -8.46 20.07
N ALA A 50 18.49 -8.73 19.03
CA ALA A 50 18.14 -7.72 18.05
C ALA A 50 16.69 -7.92 17.61
N ARG A 51 15.88 -6.87 17.77
CA ARG A 51 14.47 -6.93 17.42
C ARG A 51 14.26 -6.80 15.92
N ASP A 52 13.50 -7.73 15.34
CA ASP A 52 13.17 -7.65 13.93
C ASP A 52 12.11 -6.58 13.67
N ASN A 53 12.27 -5.86 12.56
CA ASN A 53 11.35 -4.80 12.17
C ASN A 53 10.67 -5.10 10.83
N VAL A 54 11.07 -6.19 10.19
CA VAL A 54 10.54 -6.57 8.89
C VAL A 54 9.14 -7.16 8.97
N GLY A 55 8.95 -8.11 9.89
CA GLY A 55 7.69 -8.82 10.02
C GLY A 55 6.51 -7.93 10.38
N GLN A 56 5.35 -8.23 9.80
CA GLN A 56 4.16 -7.43 10.01
C GLN A 56 2.96 -8.30 10.38
N SER A 57 3.22 -9.48 10.94
CA SER A 57 2.14 -10.42 11.25
C SER A 57 1.60 -10.26 12.67
N GLY A 58 2.31 -9.50 13.50
CA GLY A 58 1.92 -9.32 14.88
C GLY A 58 2.78 -10.12 15.86
N ALA A 59 3.45 -11.15 15.37
CA ALA A 59 4.38 -11.91 16.20
C ALA A 59 5.62 -11.07 16.50
N THR A 60 6.10 -11.13 17.73
CA THR A 60 7.35 -10.45 18.08
C THR A 60 8.52 -11.37 17.75
N ILE A 61 9.51 -10.81 17.05
CA ILE A 61 10.62 -11.60 16.54
C ILE A 61 11.97 -10.99 16.93
N TYR A 62 12.87 -11.84 17.41
CA TYR A 62 14.19 -11.39 17.81
C TYR A 62 15.26 -12.24 17.12
N ARG A 63 16.38 -11.61 16.78
CA ARG A 63 17.55 -12.37 16.36
C ARG A 63 18.47 -12.54 17.57
N LEU A 64 18.95 -13.76 17.78
CA LEU A 64 19.89 -14.03 18.84
C LEU A 64 21.26 -14.27 18.23
N TYR A 65 22.25 -13.49 18.64
CA TYR A 65 23.57 -13.55 18.02
C TYR A 65 24.69 -13.19 19.00
N GLY A 66 25.91 -13.16 18.50
CA GLY A 66 27.05 -12.69 19.25
C GLY A 66 27.58 -13.62 20.32
N LYS A 67 27.10 -14.86 20.33
CA LYS A 67 27.59 -15.85 21.28
C LYS A 67 28.60 -16.78 20.62
N PRO A 68 29.88 -16.64 21.01
CA PRO A 68 30.98 -17.45 20.45
C PRO A 68 30.71 -18.94 20.60
N ASN A 69 31.10 -19.71 19.57
CA ASN A 69 30.89 -21.15 19.52
C ASN A 69 29.41 -21.55 19.52
N ALA A 70 28.55 -20.60 19.17
CA ALA A 70 27.11 -20.84 19.13
C ALA A 70 26.50 -20.21 17.88
N PRO A 71 25.53 -20.90 17.26
CA PRO A 71 24.89 -20.40 16.05
C PRO A 71 23.90 -19.28 16.34
N GLU A 72 23.63 -18.45 15.35
CA GLU A 72 22.62 -17.41 15.49
C GLU A 72 21.22 -18.03 15.45
N LEU A 73 20.32 -17.46 16.23
CA LEU A 73 18.97 -18.01 16.34
C LEU A 73 17.90 -16.95 16.09
N PHE A 74 16.68 -17.41 15.89
CA PHE A 74 15.53 -16.52 15.83
C PHE A 74 14.45 -17.00 16.79
N LEU A 75 13.88 -16.06 17.54
CA LEU A 75 12.77 -16.35 18.44
C LEU A 75 11.52 -15.64 17.96
N LYS A 76 10.48 -16.42 17.66
CA LYS A 76 9.22 -15.87 17.19
C LYS A 76 8.14 -16.12 18.23
N HIS A 77 7.55 -15.05 18.75
CA HIS A 77 6.56 -15.15 19.80
C HIS A 77 5.18 -14.70 19.34
N GLY A 78 4.21 -15.60 19.45
CA GLY A 78 2.85 -15.31 19.05
C GLY A 78 1.90 -15.28 20.25
N LYS A 79 0.92 -14.39 20.19
CA LYS A 79 -0.03 -14.23 21.28
C LYS A 79 -1.45 -14.22 20.74
N GLY A 80 -2.38 -14.74 21.52
CA GLY A 80 -3.77 -14.84 21.09
C GLY A 80 -3.91 -15.71 19.86
N SER A 81 -4.47 -15.15 18.79
CA SER A 81 -4.63 -15.89 17.54
C SER A 81 -3.29 -16.14 16.88
N VAL A 82 -2.34 -15.24 17.10
CA VAL A 82 -0.99 -15.38 16.54
C VAL A 82 -0.27 -16.58 17.14
N ALA A 83 -0.63 -16.90 18.38
CA ALA A 83 -0.07 -18.08 19.05
C ALA A 83 -0.37 -19.33 18.24
N ASN A 84 -1.60 -19.40 17.72
CA ASN A 84 -1.98 -20.49 16.83
C ASN A 84 -1.19 -20.48 15.53
N ASP A 85 -0.93 -19.28 15.01
CA ASP A 85 -0.19 -19.13 13.77
C ASP A 85 1.24 -19.64 13.91
N VAL A 86 1.87 -19.32 15.04
CA VAL A 86 3.23 -19.76 15.31
C VAL A 86 3.28 -21.27 15.54
N THR A 87 2.25 -21.80 16.20
CA THR A 87 2.13 -23.23 16.41
C THR A 87 2.03 -23.95 15.08
N ASP A 88 1.20 -23.43 14.18
CA ASP A 88 1.05 -23.99 12.83
C ASP A 88 2.38 -23.96 12.09
N GLU A 89 3.16 -22.91 12.31
CA GLU A 89 4.46 -22.77 11.66
C GLU A 89 5.44 -23.82 12.16
N VAL A 91 4.86 -26.92 13.45
CA VAL A 91 4.60 -28.29 12.99
C VAL A 91 4.87 -28.49 11.50
N ARG A 92 4.64 -27.44 10.71
CA ARG A 92 4.92 -27.51 9.29
C ARG A 92 6.42 -27.45 9.06
N LEU A 93 7.11 -26.72 9.94
CA LEU A 93 8.57 -26.66 9.92
C LEU A 93 9.12 -28.05 10.23
N ASN A 94 8.54 -28.69 11.22
CA ASN A 94 8.96 -30.02 11.64
C ASN A 94 8.81 -31.07 10.54
N TRP A 95 7.73 -30.98 9.78
CA TRP A 95 7.47 -31.93 8.70
C TRP A 95 8.29 -31.65 7.44
N LEU A 96 8.19 -30.42 6.95
CA LEU A 96 8.76 -30.05 5.65
C LEU A 96 10.29 -30.13 5.63
N THR A 97 10.91 -30.09 6.81
CA THR A 97 12.37 -30.08 6.92
C THR A 97 13.02 -31.32 6.30
N ALA A 98 12.25 -32.38 6.14
CA ALA A 98 12.76 -33.62 5.57
C ALA A 98 12.85 -33.56 4.05
N PHE A 99 12.33 -32.48 3.47
CA PHE A 99 12.28 -32.34 2.01
C PHE A 99 12.97 -31.08 1.51
N PRO A 101 15.22 -27.24 2.49
CA PRO A 101 16.09 -26.61 3.49
C PRO A 101 15.33 -25.58 4.32
N LEU A 102 15.16 -25.87 5.60
CA LEU A 102 14.40 -25.01 6.51
C LEU A 102 15.22 -24.69 7.75
N PRO A 103 14.78 -23.68 8.52
CA PRO A 103 15.39 -23.50 9.84
C PRO A 103 15.17 -24.72 10.71
N THR A 104 16.11 -24.99 11.61
CA THR A 104 16.01 -26.12 12.52
C THR A 104 15.32 -25.70 13.81
N ILE A 105 14.37 -26.50 14.27
CA ILE A 105 13.69 -26.22 15.54
C ILE A 105 14.61 -26.52 16.71
N LYS A 106 14.87 -25.49 17.51
CA LYS A 106 15.72 -25.62 18.69
C LYS A 106 14.85 -25.80 19.94
N HIS A 107 13.78 -25.02 20.02
CA HIS A 107 12.87 -25.07 21.17
C HIS A 107 11.52 -24.44 20.84
N PHE A 108 10.45 -25.11 21.26
CA PHE A 108 9.11 -24.57 21.10
C PHE A 108 8.32 -24.73 22.39
N ILE A 109 7.58 -23.68 22.76
CA ILE A 109 6.75 -23.69 23.95
C ILE A 109 5.34 -23.21 23.64
N ARG A 110 4.34 -23.98 24.05
CA ARG A 110 2.95 -23.57 23.89
C ARG A 110 2.22 -23.54 25.23
N THR A 111 1.74 -22.35 25.60
CA THR A 111 0.86 -22.17 26.74
C THR A 111 -0.50 -21.73 26.18
N PRO A 112 -1.57 -21.73 27.00
CA PRO A 112 -2.92 -21.45 26.47
C PRO A 112 -3.04 -20.26 25.52
N ASP A 113 -2.31 -19.18 25.77
CA ASP A 113 -2.43 -17.99 24.93
C ASP A 113 -1.09 -17.50 24.38
N ASP A 114 -0.07 -18.36 24.42
CA ASP A 114 1.26 -17.98 23.95
C ASP A 114 2.00 -19.12 23.26
N ALA A 115 2.74 -18.78 22.21
CA ALA A 115 3.60 -19.74 21.54
C ALA A 115 4.97 -19.12 21.25
N TRP A 116 6.02 -19.80 21.70
CA TRP A 116 7.39 -19.32 21.49
C TRP A 116 8.13 -20.29 20.58
N LEU A 117 8.65 -19.79 19.47
CA LEU A 117 9.34 -20.63 18.50
C LEU A 117 10.79 -20.20 18.32
N LEU A 118 11.71 -21.07 18.75
CA LEU A 118 13.13 -20.79 18.63
C LEU A 118 13.77 -21.66 17.56
N THR A 119 14.25 -21.03 16.49
CA THR A 119 14.85 -21.77 15.38
C THR A 119 16.24 -21.25 15.01
N THR A 120 16.96 -22.01 14.20
CA THR A 120 18.26 -21.57 13.70
C THR A 120 18.08 -20.47 12.65
N ALA A 121 18.97 -19.48 12.69
CA ALA A 121 18.96 -18.43 11.70
C ALA A 121 19.52 -18.95 10.38
N ILE A 122 18.84 -18.63 9.28
CA ILE A 122 19.37 -18.90 7.95
C ILE A 122 20.18 -17.68 7.52
N PRO A 123 21.50 -17.88 7.33
CA PRO A 123 22.41 -16.78 7.00
C PRO A 123 22.20 -16.25 5.59
N GLY A 124 22.41 -14.94 5.42
CA GLY A 124 22.28 -14.32 4.12
C GLY A 124 21.26 -13.21 4.08
N LYS A 125 20.76 -12.93 2.89
CA LYS A 125 19.75 -11.89 2.71
C LYS A 125 18.55 -12.46 1.99
N THR A 126 17.38 -11.88 2.23
CA THR A 126 16.16 -12.32 1.57
C THR A 126 16.23 -12.04 0.07
N ALA A 127 15.40 -12.72 -0.70
CA ALA A 127 15.34 -12.50 -2.15
C ALA A 127 14.99 -11.05 -2.46
N PHE A 128 14.18 -10.44 -1.60
CA PHE A 128 13.80 -9.03 -1.79
C PHE A 128 15.03 -8.12 -1.70
N GLN A 129 15.85 -8.34 -0.69
CA GLN A 129 17.04 -7.52 -0.47
C GLN A 129 17.99 -7.59 -1.65
N VAL A 130 18.33 -8.80 -2.09
CA VAL A 130 19.29 -8.97 -3.18
C VAL A 130 18.75 -8.45 -4.50
N LEU A 131 17.43 -8.45 -4.65
CA LEU A 131 16.80 -7.89 -5.84
C LEU A 131 16.96 -6.38 -5.89
N GLU A 132 16.97 -5.74 -4.72
CA GLU A 132 17.17 -4.30 -4.65
C GLU A 132 18.66 -3.95 -4.73
N GLU A 133 19.47 -4.64 -3.94
CA GLU A 133 20.91 -4.38 -3.88
C GLU A 133 21.63 -4.75 -5.18
N TYR A 134 21.09 -5.73 -5.90
CA TYR A 134 21.71 -6.18 -7.15
C TYR A 134 20.68 -6.32 -8.26
N PRO A 135 20.28 -5.20 -8.89
CA PRO A 135 19.27 -5.18 -9.94
C PRO A 135 19.65 -5.99 -11.18
N ASP A 136 20.95 -6.22 -11.36
CA ASP A 136 21.43 -6.95 -12.54
C ASP A 136 21.41 -8.46 -12.34
N SER A 137 21.17 -8.88 -11.11
CA SER A 137 21.12 -10.32 -10.79
C SER A 137 19.69 -10.82 -10.77
N GLY A 138 18.76 -9.98 -11.22
CA GLY A 138 17.34 -10.29 -11.19
C GLY A 138 16.96 -11.60 -11.87
N GLU A 139 17.45 -11.79 -13.09
CA GLU A 139 17.16 -13.00 -13.85
C GLU A 139 17.71 -14.25 -13.17
N ASN A 140 18.94 -14.15 -12.65
CA ASN A 140 19.54 -15.25 -11.93
C ASN A 140 18.74 -15.62 -10.68
N ILE A 141 18.30 -14.60 -9.96
CA ILE A 141 17.50 -14.80 -8.75
C ILE A 141 16.20 -15.51 -9.08
N VAL A 142 15.52 -15.03 -10.12
CA VAL A 142 14.27 -15.64 -10.57
C VAL A 142 14.47 -17.11 -10.94
N ASP A 143 15.55 -17.39 -11.65
CA ASP A 143 15.88 -18.76 -12.06
C ASP A 143 16.00 -19.69 -10.86
N ALA A 144 16.65 -19.21 -9.80
CA ALA A 144 16.80 -19.98 -8.58
C ALA A 144 15.46 -20.19 -7.89
N LEU A 145 14.64 -19.14 -7.87
CA LEU A 145 13.32 -19.20 -7.26
C LEU A 145 12.43 -20.23 -7.97
N ALA A 146 12.51 -20.25 -9.29
CA ALA A 146 11.74 -21.19 -10.10
C ALA A 146 12.13 -22.64 -9.83
N VAL A 147 13.44 -22.89 -9.75
CA VAL A 147 13.96 -24.22 -9.47
C VAL A 147 13.51 -24.69 -8.08
N PHE A 148 13.65 -23.79 -7.10
CA PHE A 148 13.25 -24.07 -5.73
C PHE A 148 11.77 -24.41 -5.66
N LEU A 149 10.97 -23.70 -6.46
CA LEU A 149 9.53 -23.88 -6.46
C LEU A 149 9.14 -25.20 -7.14
N ARG A 150 9.82 -25.53 -8.23
CA ARG A 150 9.60 -26.80 -8.92
C ARG A 150 9.93 -27.97 -7.98
N ARG A 151 10.99 -27.80 -7.20
CA ARG A 151 11.38 -28.80 -6.23
C ARG A 151 10.31 -29.00 -5.17
N LEU A 152 9.84 -27.89 -4.59
CA LEU A 152 8.79 -27.93 -3.58
C LEU A 152 7.52 -28.58 -4.11
N HIS A 153 7.14 -28.21 -5.33
CA HIS A 153 5.92 -28.74 -5.95
C HIS A 153 6.10 -30.17 -6.49
N SER A 154 7.31 -30.71 -6.37
CA SER A 154 7.57 -32.08 -6.83
C SER A 154 7.45 -33.09 -5.69
N ILE A 155 7.27 -32.60 -4.47
CA ILE A 155 7.07 -33.48 -3.32
C ILE A 155 5.74 -34.18 -3.46
N PRO A 156 5.76 -35.53 -3.43
CA PRO A 156 4.54 -36.33 -3.54
C PRO A 156 3.49 -35.92 -2.50
N VAL A 157 2.29 -35.63 -2.97
CA VAL A 157 1.18 -35.16 -2.14
C VAL A 157 0.90 -36.11 -0.96
N CYS A 158 1.12 -37.41 -1.19
CA CYS A 158 0.85 -38.42 -0.16
C CYS A 158 1.69 -38.25 1.10
N ASN A 159 2.73 -37.42 1.03
CA ASN A 159 3.60 -37.20 2.17
C ASN A 159 3.13 -36.07 3.09
N CYS A 160 2.18 -35.28 2.60
CA CYS A 160 1.77 -34.05 3.29
C CYS A 160 0.55 -34.23 4.19
N PRO A 161 0.75 -34.08 5.51
CA PRO A 161 -0.34 -34.19 6.49
C PRO A 161 -1.16 -32.92 6.61
N PHE A 162 -0.82 -31.89 5.84
CA PHE A 162 -1.48 -30.59 5.98
C PHE A 162 -2.36 -30.24 4.81
N ASN A 163 -3.56 -29.75 5.11
CA ASN A 163 -4.54 -29.38 4.11
C ASN A 163 -4.68 -27.87 4.00
N SER A 164 -4.49 -27.34 2.79
CA SER A 164 -4.59 -25.91 2.55
C SER A 164 -5.35 -25.60 1.27
N ASP A 165 -6.24 -26.51 0.86
CA ASP A 165 -7.00 -26.31 -0.37
C ASP A 165 -7.94 -25.11 -0.26
N ARG A 166 -8.51 -24.70 -1.39
CA ARG A 166 -9.28 -23.45 -1.43
C ARG A 166 -10.52 -23.48 -0.55
N VAL A 167 -11.17 -24.63 -0.46
CA VAL A 167 -12.36 -24.77 0.38
C VAL A 167 -11.99 -24.54 1.85
N PHE A 168 -10.81 -25.00 2.23
CA PHE A 168 -10.32 -24.81 3.59
C PHE A 168 -9.94 -23.35 3.86
N ARG A 169 -9.20 -22.77 2.92
N ARG A 169 -9.20 -22.76 2.92
CA ARG A 169 -8.75 -21.38 3.04
CA ARG A 169 -8.75 -21.37 3.06
C ARG A 169 -9.90 -20.39 2.98
C ARG A 169 -9.90 -20.38 2.97
N LEU A 170 -10.91 -20.70 2.16
CA LEU A 170 -12.08 -19.83 2.02
C LEU A 170 -12.88 -19.77 3.32
N ALA A 171 -13.12 -20.94 3.92
CA ALA A 171 -13.82 -21.02 5.20
C ALA A 171 -13.03 -20.28 6.27
N GLN A 172 -11.71 -20.34 6.15
CA GLN A 172 -10.81 -19.65 7.07
C GLN A 172 -10.91 -18.14 6.84
N ALA A 173 -10.88 -17.75 5.58
CA ALA A 173 -10.96 -16.33 5.20
C ALA A 173 -12.27 -15.71 5.67
N GLN A 174 -13.35 -16.48 5.58
CA GLN A 174 -14.65 -16.01 6.01
C GLN A 174 -14.67 -15.74 7.51
N SER A 175 -13.97 -16.60 8.26
CA SER A 175 -13.90 -16.46 9.70
C SER A 175 -13.13 -15.19 10.09
N ARG A 176 -12.02 -14.95 9.40
CA ARG A 176 -11.21 -13.77 9.65
C ARG A 176 -11.97 -12.50 9.27
N ASN A 178 -15.37 -12.15 9.30
CA ASN A 178 -16.45 -11.98 10.27
C ASN A 178 -15.95 -11.55 11.65
N ASN A 179 -14.66 -11.75 11.91
CA ASN A 179 -14.08 -11.37 13.19
C ASN A 179 -13.31 -10.04 13.10
N GLY A 180 -13.48 -9.35 11.98
CA GLY A 180 -12.87 -8.04 11.78
C GLY A 180 -11.37 -8.05 11.85
N LEU A 181 -10.76 -9.11 11.34
CA LEU A 181 -9.31 -9.26 11.40
C LEU A 181 -8.62 -8.91 10.08
N VAL A 182 -9.39 -8.84 9.00
CA VAL A 182 -8.84 -8.55 7.69
C VAL A 182 -8.37 -7.10 7.58
N ASP A 183 -7.07 -6.93 7.32
CA ASP A 183 -6.47 -5.60 7.22
C ASP A 183 -6.65 -5.01 5.82
N ALA A 184 -7.59 -4.07 5.68
CA ALA A 184 -7.89 -3.47 4.39
C ALA A 184 -6.75 -2.59 3.88
N SER A 185 -5.91 -2.12 4.79
CA SER A 185 -4.78 -1.27 4.41
C SER A 185 -3.72 -2.07 3.66
N ASP A 186 -3.82 -3.40 3.73
CA ASP A 186 -2.87 -4.27 3.07
C ASP A 186 -3.45 -4.80 1.75
N PHE A 187 -4.64 -4.32 1.39
CA PHE A 187 -5.22 -4.67 0.10
C PHE A 187 -4.33 -4.16 -1.03
N ASP A 188 -4.35 -4.85 -2.16
CA ASP A 188 -3.57 -4.44 -3.31
C ASP A 188 -4.14 -3.15 -3.90
N ASP A 189 -3.35 -2.46 -4.72
CA ASP A 189 -3.74 -1.19 -5.32
C ASP A 189 -5.09 -1.25 -6.02
N GLU A 190 -5.36 -2.39 -6.66
CA GLU A 190 -6.62 -2.58 -7.38
C GLU A 190 -7.83 -2.60 -6.46
N ARG A 191 -7.59 -2.87 -5.18
CA ARG A 191 -8.68 -2.97 -4.21
C ARG A 191 -8.57 -1.93 -3.09
N ASN A 192 -7.78 -0.90 -3.32
CA ASN A 192 -7.65 0.22 -2.38
C ASN A 192 -9.02 0.88 -2.15
N GLY A 193 -9.51 0.77 -0.91
CA GLY A 193 -10.77 1.40 -0.55
C GLY A 193 -11.95 0.46 -0.64
N TRP A 194 -11.73 -0.74 -1.14
CA TRP A 194 -12.79 -1.74 -1.19
C TRP A 194 -13.14 -2.21 0.21
N PRO A 195 -14.43 -2.48 0.45
CA PRO A 195 -14.81 -3.17 1.69
C PRO A 195 -14.44 -4.64 1.57
N VAL A 196 -14.10 -5.29 2.68
CA VAL A 196 -13.74 -6.70 2.65
C VAL A 196 -14.88 -7.54 2.07
N GLU A 197 -16.11 -7.07 2.28
CA GLU A 197 -17.30 -7.76 1.77
C GLU A 197 -17.32 -7.81 0.24
N GLN A 198 -16.88 -6.74 -0.39
CA GLN A 198 -16.87 -6.67 -1.85
C GLN A 198 -15.78 -7.56 -2.43
N VAL A 199 -14.61 -7.59 -1.79
CA VAL A 199 -13.53 -8.47 -2.22
C VAL A 199 -14.01 -9.92 -2.14
N TRP A 200 -14.61 -10.27 -1.01
CA TRP A 200 -15.15 -11.61 -0.78
C TRP A 200 -16.19 -11.99 -1.83
N LYS A 201 -17.10 -11.07 -2.13
CA LYS A 201 -18.15 -11.32 -3.09
C LYS A 201 -17.61 -11.49 -4.51
N GLU A 202 -16.72 -10.60 -4.92
CA GLU A 202 -16.18 -10.61 -6.27
C GLU A 202 -15.25 -11.79 -6.50
N HIS A 204 -15.63 -14.81 -5.39
CA HIS A 204 -16.42 -16.00 -5.66
C HIS A 204 -16.96 -16.03 -7.09
N LYS A 205 -17.00 -14.87 -7.73
CA LYS A 205 -17.48 -14.79 -9.10
C LYS A 205 -16.44 -15.33 -10.09
N LEU A 206 -15.23 -15.54 -9.59
CA LEU A 206 -14.18 -16.15 -10.41
C LEU A 206 -14.30 -17.66 -10.38
N LEU A 207 -14.91 -18.18 -9.32
CA LEU A 207 -15.13 -19.61 -9.17
C LEU A 207 -16.13 -20.12 -10.20
N PRO A 208 -16.03 -21.40 -10.57
CA PRO A 208 -15.06 -22.37 -10.07
C PRO A 208 -13.86 -22.53 -11.00
N PHE A 209 -12.92 -23.37 -10.59
CA PHE A 209 -11.81 -23.78 -11.45
C PHE A 209 -11.31 -25.15 -11.01
N SER A 210 -10.65 -25.86 -11.93
CA SER A 210 -10.13 -27.19 -11.65
C SER A 210 -8.84 -27.12 -10.83
N PRO A 211 -8.85 -27.76 -9.65
CA PRO A 211 -7.68 -27.75 -8.75
C PRO A 211 -6.48 -28.48 -9.33
N ASP A 212 -5.30 -27.91 -9.16
CA ASP A 212 -4.05 -28.52 -9.58
C ASP A 212 -3.19 -28.68 -8.34
N SER A 213 -3.51 -29.67 -7.53
CA SER A 213 -2.97 -29.80 -6.18
C SER A 213 -1.52 -30.27 -6.10
N VAL A 214 -0.71 -29.51 -5.37
CA VAL A 214 0.66 -29.89 -5.05
C VAL A 214 0.96 -29.49 -3.61
N VAL A 215 2.16 -29.79 -3.14
CA VAL A 215 2.61 -29.30 -1.85
C VAL A 215 3.05 -27.85 -2.00
N THR A 216 2.36 -26.93 -1.33
CA THR A 216 2.65 -25.51 -1.48
C THR A 216 3.23 -24.89 -0.21
N HIS A 217 3.81 -23.70 -0.36
CA HIS A 217 4.41 -22.98 0.76
C HIS A 217 3.36 -22.15 1.51
N GLY A 218 2.49 -21.49 0.77
CA GLY A 218 1.43 -20.71 1.37
C GLY A 218 1.72 -19.22 1.36
N ASP A 219 2.99 -18.87 1.46
CA ASP A 219 3.42 -17.48 1.42
C ASP A 219 4.79 -17.41 0.75
N PHE A 220 4.83 -17.77 -0.52
CA PHE A 220 6.07 -17.80 -1.28
C PHE A 220 6.42 -16.40 -1.77
N SER A 221 6.74 -15.52 -0.83
CA SER A 221 7.10 -14.14 -1.14
C SER A 221 8.60 -13.92 -1.02
N LEU A 222 9.06 -12.82 -1.60
CA LEU A 222 10.49 -12.53 -1.67
C LEU A 222 11.18 -12.38 -0.31
N ASP A 223 10.41 -12.01 0.71
CA ASP A 223 10.95 -11.86 2.06
C ASP A 223 11.00 -13.17 2.82
N ASN A 224 10.50 -14.24 2.20
CA ASN A 224 10.52 -15.56 2.84
C ASN A 224 11.54 -16.51 2.23
N LEU A 225 12.32 -15.99 1.27
CA LEU A 225 13.32 -16.80 0.58
C LEU A 225 14.69 -16.16 0.74
N ILE A 226 15.63 -16.93 1.28
CA ILE A 226 16.93 -16.38 1.67
C ILE A 226 18.09 -16.84 0.81
N PHE A 227 18.81 -15.87 0.24
CA PHE A 227 20.00 -16.15 -0.55
C PHE A 227 21.28 -15.93 0.25
N ASP A 228 22.25 -16.80 0.04
CA ASP A 228 23.57 -16.64 0.67
C ASP A 228 24.66 -17.07 -0.30
N GLU A 229 25.53 -16.12 -0.64
CA GLU A 229 26.64 -16.36 -1.56
C GLU A 229 26.15 -16.86 -2.92
N GLY A 230 25.14 -16.19 -3.45
CA GLY A 230 24.65 -16.47 -4.78
C GLY A 230 23.78 -17.71 -4.89
N LYS A 231 23.37 -18.25 -3.75
CA LYS A 231 22.52 -19.44 -3.75
C LYS A 231 21.34 -19.32 -2.79
N LEU A 232 20.20 -19.82 -3.23
CA LEU A 232 19.02 -19.90 -2.37
C LEU A 232 19.18 -21.09 -1.44
N ILE A 233 19.37 -20.82 -0.15
CA ILE A 233 19.69 -21.88 0.79
C ILE A 233 18.56 -22.23 1.75
N GLY A 234 17.41 -21.61 1.59
CA GLY A 234 16.27 -21.95 2.43
C GLY A 234 15.12 -20.97 2.44
N CYS A 235 13.98 -21.42 2.96
CA CYS A 235 12.81 -20.58 3.12
C CYS A 235 12.33 -20.61 4.56
N ILE A 236 11.58 -19.57 4.94
CA ILE A 236 11.04 -19.46 6.29
C ILE A 236 9.56 -19.10 6.21
N ASP A 237 8.94 -18.88 7.37
CA ASP A 237 7.55 -18.43 7.45
C ASP A 237 6.62 -19.44 6.79
N VAL A 238 6.66 -20.68 7.30
CA VAL A 238 6.01 -21.80 6.62
C VAL A 238 4.67 -22.21 7.25
N GLY A 239 4.01 -21.26 7.92
CA GLY A 239 2.79 -21.54 8.64
C GLY A 239 1.60 -21.99 7.80
N ARG A 240 1.62 -21.70 6.51
CA ARG A 240 0.50 -22.06 5.64
C ARG A 240 0.83 -23.22 4.70
N VAL A 241 1.94 -23.89 4.97
CA VAL A 241 2.35 -25.06 4.18
C VAL A 241 1.26 -26.14 4.19
N GLY A 242 0.99 -26.70 3.02
CA GLY A 242 -0.02 -27.74 2.88
C GLY A 242 -0.44 -27.89 1.44
N ILE A 243 -1.32 -28.85 1.19
CA ILE A 243 -1.79 -29.13 -0.17
C ILE A 243 -2.72 -28.02 -0.67
N ALA A 244 -2.37 -27.45 -1.82
CA ALA A 244 -3.18 -26.43 -2.45
C ALA A 244 -2.88 -26.40 -3.94
N ASP A 245 -3.58 -25.54 -4.67
CA ASP A 245 -3.30 -25.35 -6.09
C ASP A 245 -1.91 -24.74 -6.24
N ARG A 246 -1.22 -25.06 -7.32
CA ARG A 246 0.14 -24.58 -7.53
C ARG A 246 0.17 -23.05 -7.65
N TYR A 247 -0.97 -22.47 -8.00
CA TYR A 247 -1.08 -21.02 -8.15
C TYR A 247 -1.12 -20.30 -6.80
N GLN A 248 -1.22 -21.05 -5.71
CA GLN A 248 -1.13 -20.47 -4.38
C GLN A 248 0.25 -19.86 -4.16
N ASP A 249 1.27 -20.54 -4.65
CA ASP A 249 2.63 -20.03 -4.56
C ASP A 249 2.97 -19.13 -5.74
N LEU A 250 2.50 -19.52 -6.92
CA LEU A 250 2.81 -18.77 -8.15
C LEU A 250 2.28 -17.35 -8.10
N ALA A 251 1.01 -17.20 -7.75
CA ALA A 251 0.37 -15.88 -7.73
C ALA A 251 1.10 -14.91 -6.79
N ILE A 252 1.40 -15.37 -5.58
CA ILE A 252 2.05 -14.51 -4.60
C ILE A 252 3.44 -14.07 -5.05
N LEU A 253 4.24 -15.01 -5.57
CA LEU A 253 5.57 -14.67 -6.06
C LEU A 253 5.51 -13.77 -7.29
N TRP A 254 4.53 -14.03 -8.16
CA TRP A 254 4.31 -13.23 -9.36
C TRP A 254 3.97 -11.80 -8.96
N ASN A 255 3.18 -11.66 -7.90
CA ASN A 255 2.80 -10.34 -7.39
C ASN A 255 4.01 -9.59 -6.85
N CYS A 256 4.84 -10.28 -6.08
CA CYS A 256 6.05 -9.70 -5.52
C CYS A 256 6.99 -9.19 -6.60
N LEU A 257 7.15 -10.00 -7.65
CA LEU A 257 8.05 -9.66 -8.74
C LEU A 257 7.56 -8.46 -9.56
N GLY A 258 6.24 -8.24 -9.55
CA GLY A 258 5.64 -7.14 -10.27
C GLY A 258 6.15 -5.79 -9.81
N GLU A 259 6.51 -5.72 -8.54
CA GLU A 259 7.07 -4.51 -7.95
C GLU A 259 8.45 -4.19 -8.55
N PHE A 260 9.06 -5.20 -9.17
CA PHE A 260 10.38 -5.02 -9.77
C PHE A 260 10.30 -4.89 -11.29
N SER A 261 9.81 -5.92 -11.96
CA SER A 261 9.69 -5.90 -13.42
C SER A 261 8.74 -6.95 -13.94
N PRO A 262 7.97 -6.62 -14.99
CA PRO A 262 7.10 -7.56 -15.70
C PRO A 262 7.92 -8.60 -16.43
N SER A 263 9.17 -8.24 -16.72
CA SER A 263 10.10 -9.16 -17.37
C SER A 263 10.42 -10.33 -16.44
N LEU A 264 10.66 -10.02 -15.17
CA LEU A 264 10.95 -11.05 -14.18
C LEU A 264 9.74 -11.95 -13.94
N GLN A 265 8.57 -11.33 -13.86
CA GLN A 265 7.31 -12.07 -13.74
C GLN A 265 7.18 -13.10 -14.86
N LYS A 266 7.44 -12.64 -16.09
CA LYS A 266 7.37 -13.50 -17.26
C LYS A 266 8.38 -14.64 -17.16
N ARG A 267 9.58 -14.33 -16.68
CA ARG A 267 10.65 -15.31 -16.59
C ARG A 267 10.35 -16.39 -15.55
N LEU A 268 9.66 -15.99 -14.49
CA LEU A 268 9.26 -16.92 -13.44
C LEU A 268 8.39 -18.05 -14.00
N PHE A 269 7.38 -17.68 -14.77
CA PHE A 269 6.49 -18.66 -15.39
C PHE A 269 7.19 -19.49 -16.46
N GLN A 270 8.03 -18.84 -17.26
CA GLN A 270 8.79 -19.52 -18.30
C GLN A 270 9.67 -20.61 -17.70
N LYS A 271 10.42 -20.26 -16.67
CA LYS A 271 11.35 -21.20 -16.05
C LYS A 271 10.62 -22.25 -15.21
N TYR A 272 9.44 -21.90 -14.70
CA TYR A 272 8.67 -22.83 -13.89
C TYR A 272 8.08 -23.95 -14.75
N GLY A 273 7.73 -23.62 -15.99
CA GLY A 273 7.19 -24.59 -16.91
C GLY A 273 5.80 -24.26 -17.40
N ILE A 274 5.43 -22.99 -17.31
CA ILE A 274 4.13 -22.54 -17.78
C ILE A 274 4.27 -21.33 -18.68
N ASP A 275 3.90 -21.50 -19.96
CA ASP A 275 4.05 -20.45 -20.95
C ASP A 275 3.21 -19.23 -20.61
N ASN A 276 1.89 -19.41 -20.57
CA ASN A 276 0.97 -18.33 -20.26
C ASN A 276 0.20 -18.60 -18.96
N PRO A 277 0.32 -17.67 -18.00
CA PRO A 277 -0.36 -17.78 -16.69
C PRO A 277 -1.86 -17.94 -16.81
N ASP A 278 -2.45 -18.77 -15.96
CA ASP A 278 -3.90 -18.87 -15.85
C ASP A 278 -4.40 -17.64 -15.09
N ASN A 280 -7.37 -16.39 -14.34
CA ASN A 280 -8.40 -16.64 -13.34
C ASN A 280 -7.84 -17.24 -12.05
N LYS A 281 -6.97 -18.23 -12.19
CA LYS A 281 -6.31 -18.84 -11.04
C LYS A 281 -5.39 -17.84 -10.35
N LEU A 282 -4.73 -17.01 -11.16
CA LEU A 282 -3.85 -15.99 -10.64
C LEU A 282 -4.63 -14.96 -9.84
N GLN A 283 -5.72 -14.46 -10.43
CA GLN A 283 -6.55 -13.46 -9.76
C GLN A 283 -7.21 -13.99 -8.49
N PHE A 284 -7.62 -15.26 -8.51
CA PHE A 284 -8.27 -15.83 -7.34
C PHE A 284 -7.36 -15.88 -6.12
N HIS A 285 -6.15 -16.39 -6.31
CA HIS A 285 -5.22 -16.53 -5.19
C HIS A 285 -4.68 -15.19 -4.70
N LEU A 286 -4.61 -14.21 -5.60
CA LEU A 286 -4.20 -12.86 -5.22
C LEU A 286 -5.26 -12.19 -4.34
N LEU A 288 -7.57 -14.00 -2.63
CA LEU A 288 -7.63 -14.84 -1.45
C LEU A 288 -6.61 -14.39 -0.40
N ASP A 289 -5.42 -14.03 -0.87
CA ASP A 289 -4.34 -13.61 0.01
C ASP A 289 -4.66 -12.31 0.77
N GLU A 290 -5.64 -11.55 0.28
CA GLU A 290 -6.03 -10.29 0.92
C GLU A 290 -6.64 -10.52 2.30
N PHE A 291 -7.12 -11.74 2.54
CA PHE A 291 -7.81 -12.06 3.77
C PHE A 291 -6.87 -12.52 4.89
N PHE A 292 -5.57 -12.54 4.59
CA PHE A 292 -4.59 -13.06 5.52
C PHE A 292 -3.43 -12.09 5.70
N GLN B 26 -5.62 24.02 -74.29
CA GLN B 26 -4.51 24.22 -73.38
C GLN B 26 -4.67 23.40 -72.11
N ARG B 27 -3.63 23.41 -71.27
CA ARG B 27 -3.67 22.69 -70.00
C ARG B 27 -4.61 23.37 -69.02
N GLU B 28 -4.70 24.70 -69.11
CA GLU B 28 -5.59 25.48 -68.25
C GLU B 28 -6.31 26.56 -69.05
N THR B 29 -7.54 26.87 -68.65
CA THR B 29 -8.32 27.92 -69.29
C THR B 29 -8.88 28.89 -68.27
N SER B 30 -8.89 30.17 -68.62
CA SER B 30 -9.37 31.24 -67.73
C SER B 30 -10.86 31.08 -67.46
N CYS B 31 -11.29 31.43 -66.25
CA CYS B 31 -12.69 31.27 -65.86
C CYS B 31 -13.11 32.33 -64.83
N SER B 32 -14.20 32.05 -64.14
CA SER B 32 -14.73 32.97 -63.12
C SER B 32 -14.72 32.33 -61.74
N ARG B 33 -15.18 33.08 -60.75
CA ARG B 33 -15.17 32.63 -59.36
C ARG B 33 -16.36 31.73 -59.04
N PRO B 34 -16.09 30.55 -58.46
CA PRO B 34 -17.11 29.59 -58.01
C PRO B 34 -17.90 30.11 -56.82
N ARG B 35 -18.69 29.24 -56.19
CA ARG B 35 -19.54 29.66 -55.09
C ARG B 35 -19.24 28.90 -53.79
N LEU B 36 -18.52 29.56 -52.89
CA LEU B 36 -18.32 29.07 -51.53
C LEU B 36 -17.79 30.18 -50.63
N ASN B 39 -18.46 28.42 -43.72
CA ASN B 39 -19.53 28.90 -42.85
C ASN B 39 -19.41 28.40 -41.41
N LEU B 40 -18.77 29.21 -40.56
CA LEU B 40 -18.60 28.86 -39.16
C LEU B 40 -18.86 30.09 -38.29
N ASP B 41 -19.00 31.24 -38.94
CA ASP B 41 -19.21 32.50 -38.25
C ASP B 41 -20.52 32.49 -37.47
N ALA B 42 -21.63 32.46 -38.19
CA ALA B 42 -22.95 32.46 -37.58
C ALA B 42 -23.53 31.06 -37.50
N ASP B 43 -22.75 30.06 -37.91
CA ASP B 43 -23.19 28.68 -37.89
C ASP B 43 -23.10 28.05 -36.51
N LEU B 44 -22.70 28.85 -35.53
CA LEU B 44 -22.66 28.41 -34.14
C LEU B 44 -23.54 29.31 -33.28
N TYR B 45 -24.35 30.13 -33.95
CA TYR B 45 -25.25 31.06 -33.28
C TYR B 45 -26.35 30.33 -32.52
N GLY B 46 -26.71 30.88 -31.36
CA GLY B 46 -27.82 30.36 -30.59
C GLY B 46 -27.41 29.36 -29.54
N TYR B 47 -26.21 28.81 -29.70
CA TYR B 47 -25.71 27.77 -28.79
C TYR B 47 -25.14 28.34 -27.50
N ARG B 48 -25.35 27.62 -26.40
CA ARG B 48 -24.68 27.92 -25.15
C ARG B 48 -23.41 27.07 -25.05
N TRP B 49 -22.37 27.63 -24.45
CA TRP B 49 -21.06 26.98 -24.43
C TRP B 49 -20.73 26.33 -23.08
N ALA B 50 -19.87 25.32 -23.12
CA ALA B 50 -19.44 24.61 -21.92
C ALA B 50 -18.09 23.95 -22.14
N ARG B 51 -17.07 24.39 -21.41
CA ARG B 51 -15.74 23.81 -21.51
C ARG B 51 -15.71 22.40 -20.93
N ASP B 52 -14.98 21.52 -21.60
CA ASP B 52 -14.79 20.15 -21.13
C ASP B 52 -13.68 20.12 -20.07
N ASN B 53 -13.68 19.09 -19.23
CA ASN B 53 -12.64 18.93 -18.23
C ASN B 53 -12.24 17.47 -18.05
N VAL B 54 -12.91 16.58 -18.77
CA VAL B 54 -12.62 15.16 -18.70
C VAL B 54 -11.43 14.82 -19.59
N GLY B 55 -11.22 15.64 -20.62
CA GLY B 55 -10.13 15.42 -21.56
C GLY B 55 -8.87 16.19 -21.22
N GLN B 56 -7.73 15.52 -21.36
CA GLN B 56 -6.43 16.14 -21.10
C GLN B 56 -5.41 15.82 -22.19
N SER B 57 -5.86 15.84 -23.44
CA SER B 57 -4.98 15.59 -24.57
C SER B 57 -4.26 16.85 -25.00
N GLY B 58 -4.69 17.99 -24.48
CA GLY B 58 -4.11 19.27 -24.84
C GLY B 58 -5.00 20.00 -25.83
N ALA B 59 -6.02 19.31 -26.33
CA ALA B 59 -6.98 19.90 -27.24
C ALA B 59 -8.07 20.63 -26.46
N THR B 60 -8.55 21.74 -27.00
CA THR B 60 -9.62 22.50 -26.37
C THR B 60 -10.98 21.97 -26.84
N ILE B 61 -11.86 21.66 -25.88
CA ILE B 61 -13.13 21.02 -26.20
C ILE B 61 -14.31 21.72 -25.55
N TYR B 62 -15.33 22.02 -26.34
CA TYR B 62 -16.55 22.63 -25.83
C TYR B 62 -17.77 21.79 -26.17
N ARG B 63 -18.84 21.98 -25.40
CA ARG B 63 -20.13 21.38 -25.74
C ARG B 63 -21.11 22.48 -26.12
N LEU B 64 -21.49 22.51 -27.39
CA LEU B 64 -22.53 23.42 -27.85
C LEU B 64 -23.89 22.84 -27.50
N TYR B 65 -24.68 23.59 -26.75
CA TYR B 65 -25.99 23.10 -26.33
C TYR B 65 -26.95 24.26 -26.08
N GLY B 66 -28.21 23.93 -25.78
CA GLY B 66 -29.18 24.93 -25.40
C GLY B 66 -29.75 25.76 -26.53
N LYS B 67 -29.53 25.31 -27.78
CA LYS B 67 -30.16 25.97 -28.92
C LYS B 67 -31.41 25.20 -29.34
N PRO B 68 -32.56 25.89 -29.35
CA PRO B 68 -33.86 25.30 -29.65
C PRO B 68 -33.92 24.62 -31.02
N ASN B 69 -34.43 23.39 -31.04
CA ASN B 69 -34.58 22.59 -32.26
C ASN B 69 -33.27 22.30 -32.99
N ALA B 70 -32.15 22.51 -32.29
CA ALA B 70 -30.83 22.24 -32.85
C ALA B 70 -30.11 21.19 -32.01
N PRO B 71 -29.34 20.32 -32.67
CA PRO B 71 -28.61 19.26 -31.97
C PRO B 71 -27.44 19.78 -31.16
N GLU B 72 -27.16 19.15 -30.03
CA GLU B 72 -25.96 19.46 -29.27
C GLU B 72 -24.75 19.04 -30.08
N LEU B 73 -23.71 19.88 -30.07
CA LEU B 73 -22.50 19.61 -30.83
C LEU B 73 -21.28 19.66 -29.92
N PHE B 74 -20.19 19.06 -30.39
CA PHE B 74 -18.91 19.20 -29.71
C PHE B 74 -17.91 19.86 -30.65
N LEU B 75 -17.16 20.83 -30.11
CA LEU B 75 -16.11 21.47 -30.87
C LEU B 75 -14.75 21.17 -30.26
N LYS B 76 -13.92 20.46 -31.00
CA LYS B 76 -12.59 20.09 -30.54
C LYS B 76 -11.55 20.92 -31.29
N HIS B 77 -10.77 21.70 -30.55
CA HIS B 77 -9.76 22.57 -31.15
C HIS B 77 -8.35 22.08 -30.85
N GLY B 78 -7.50 22.03 -31.88
CA GLY B 78 -6.12 21.66 -31.72
C GLY B 78 -5.18 22.73 -32.22
N LYS B 79 -4.15 23.03 -31.44
CA LYS B 79 -3.18 24.05 -31.79
C LYS B 79 -1.78 23.46 -31.87
N GLY B 80 -1.01 23.88 -32.87
CA GLY B 80 0.34 23.37 -33.06
C GLY B 80 0.35 21.91 -33.45
N SER B 81 1.00 21.08 -32.62
CA SER B 81 1.07 19.64 -32.89
C SER B 81 -0.26 18.97 -32.59
N VAL B 82 -1.03 19.59 -31.69
CA VAL B 82 -2.35 19.08 -31.35
C VAL B 82 -3.30 19.20 -32.54
N ALA B 83 -3.04 20.19 -33.39
CA ALA B 83 -3.79 20.37 -34.62
C ALA B 83 -3.69 19.12 -35.50
N ASN B 84 -2.50 18.53 -35.54
CA ASN B 84 -2.29 17.30 -36.28
C ASN B 84 -3.08 16.13 -35.69
N ASP B 85 -3.16 16.09 -34.37
CA ASP B 85 -3.89 15.04 -33.68
C ASP B 85 -5.39 15.10 -33.96
N VAL B 86 -5.94 16.31 -33.95
CA VAL B 86 -7.36 16.51 -34.22
C VAL B 86 -7.65 16.18 -35.68
N THR B 87 -6.70 16.50 -36.54
CA THR B 87 -6.80 16.17 -37.96
C THR B 87 -6.80 14.65 -38.14
N ASP B 88 -5.95 13.97 -37.38
CA ASP B 88 -5.89 12.50 -37.41
C ASP B 88 -7.25 11.90 -37.02
N GLU B 89 -7.84 12.44 -35.97
CA GLU B 89 -9.13 11.97 -35.49
C GLU B 89 -10.21 12.16 -36.54
N VAL B 91 -10.09 12.28 -39.95
CA VAL B 91 -10.06 11.32 -41.07
C VAL B 91 -10.39 9.90 -40.64
N ARG B 92 -9.99 9.54 -39.42
CA ARG B 92 -10.32 8.23 -38.89
C ARG B 92 -11.81 8.17 -38.57
N LEU B 93 -12.35 9.27 -38.10
CA LEU B 93 -13.77 9.38 -37.86
C LEU B 93 -14.51 9.26 -39.18
N ASN B 94 -14.00 9.97 -40.19
CA ASN B 94 -14.59 9.95 -41.52
C ASN B 94 -14.57 8.57 -42.17
N TRP B 95 -13.54 7.78 -41.89
CA TRP B 95 -13.48 6.43 -42.45
C TRP B 95 -14.31 5.42 -41.67
N LEU B 96 -14.13 5.40 -40.35
CA LEU B 96 -14.73 4.37 -39.51
C LEU B 96 -16.26 4.49 -39.40
N THR B 97 -16.78 5.66 -39.72
CA THR B 97 -18.22 5.91 -39.61
C THR B 97 -19.03 4.98 -40.52
N ALA B 98 -18.38 4.42 -41.53
CA ALA B 98 -19.04 3.54 -42.47
C ALA B 98 -19.19 2.13 -41.91
N PHE B 99 -18.57 1.87 -40.76
CA PHE B 99 -18.57 0.55 -40.16
C PHE B 99 -19.09 0.55 -38.72
N PRO B 101 -20.99 3.09 -35.36
CA PRO B 101 -21.71 4.31 -34.98
C PRO B 101 -20.78 5.35 -34.34
N LEU B 102 -20.57 6.45 -35.05
CA LEU B 102 -19.67 7.51 -34.61
C LEU B 102 -20.38 8.87 -34.65
N PRO B 103 -19.82 9.88 -33.96
CA PRO B 103 -20.35 11.24 -34.11
C PRO B 103 -20.27 11.67 -35.57
N THR B 104 -21.19 12.51 -36.02
CA THR B 104 -21.16 12.98 -37.40
C THR B 104 -20.28 14.22 -37.52
N ILE B 105 -19.43 14.25 -38.53
CA ILE B 105 -18.62 15.45 -38.79
C ILE B 105 -19.48 16.52 -39.45
N LYS B 106 -19.80 17.57 -38.70
N LYS B 106 -19.78 17.58 -38.70
CA LYS B 106 -20.58 18.68 -39.23
CA LYS B 106 -20.58 18.67 -39.24
C LYS B 106 -19.70 19.67 -39.98
C LYS B 106 -19.70 19.67 -39.98
N HIS B 107 -18.50 19.92 -39.44
CA HIS B 107 -17.59 20.90 -40.03
C HIS B 107 -16.18 20.65 -39.54
N PHE B 108 -15.21 20.71 -40.45
CA PHE B 108 -13.80 20.63 -40.09
C PHE B 108 -12.99 21.68 -40.82
N ILE B 109 -12.09 22.35 -40.08
CA ILE B 109 -11.23 23.36 -40.67
C ILE B 109 -9.77 23.09 -40.35
N ARG B 110 -8.92 23.11 -41.37
CA ARG B 110 -7.48 23.04 -41.15
C ARG B 110 -6.75 24.26 -41.69
N THR B 111 -6.14 25.01 -40.78
CA THR B 111 -5.22 26.10 -41.13
C THR B 111 -3.83 25.61 -40.75
N PRO B 112 -2.77 26.30 -41.22
CA PRO B 112 -1.40 25.83 -40.95
C PRO B 112 -1.10 25.47 -39.49
N ASP B 113 -1.70 26.17 -38.53
CA ASP B 113 -1.38 25.96 -37.13
C ASP B 113 -2.57 25.52 -36.28
N ASP B 114 -3.76 25.50 -36.88
CA ASP B 114 -4.96 25.16 -36.11
C ASP B 114 -5.86 24.14 -36.82
N ALA B 115 -6.56 23.34 -36.02
CA ALA B 115 -7.54 22.39 -36.53
C ALA B 115 -8.81 22.46 -35.69
N TRP B 116 -9.95 22.63 -36.35
CA TRP B 116 -11.23 22.74 -35.66
C TRP B 116 -12.17 21.65 -36.13
N LEU B 117 -12.55 20.76 -35.22
CA LEU B 117 -13.43 19.64 -35.54
C LEU B 117 -14.77 19.80 -34.84
N LEU B 118 -15.82 20.00 -35.63
CA LEU B 118 -17.17 20.18 -35.10
C LEU B 118 -18.02 18.94 -35.38
N THR B 119 -18.39 18.23 -34.32
CA THR B 119 -19.14 17.00 -34.46
C THR B 119 -20.44 17.03 -33.67
N THR B 120 -21.37 16.15 -34.02
CA THR B 120 -22.62 16.02 -33.28
C THR B 120 -22.35 15.32 -31.96
N ALA B 121 -23.04 15.76 -30.92
CA ALA B 121 -22.88 15.14 -29.60
C ALA B 121 -23.61 13.80 -29.57
N ILE B 122 -22.96 12.80 -29.01
CA ILE B 122 -23.62 11.52 -28.77
C ILE B 122 -24.30 11.57 -27.41
N PRO B 123 -25.64 11.40 -27.40
CA PRO B 123 -26.43 11.48 -26.17
C PRO B 123 -26.20 10.27 -25.26
N GLY B 124 -26.19 10.52 -23.94
CA GLY B 124 -26.07 9.46 -22.98
C GLY B 124 -24.94 9.66 -21.98
N LYS B 125 -24.52 8.58 -21.35
CA LYS B 125 -23.42 8.61 -20.39
C LYS B 125 -22.31 7.67 -20.85
N THR B 126 -21.08 7.93 -20.40
CA THR B 126 -19.97 7.05 -20.72
C THR B 126 -20.15 5.72 -20.02
N ALA B 127 -19.50 4.68 -20.55
CA ALA B 127 -19.52 3.37 -19.94
C ALA B 127 -19.05 3.44 -18.50
N PHE B 128 -18.06 4.27 -18.25
CA PHE B 128 -17.54 4.47 -16.89
C PHE B 128 -18.63 5.01 -15.95
N GLN B 129 -19.43 5.94 -16.45
CA GLN B 129 -20.48 6.55 -15.65
C GLN B 129 -21.59 5.54 -15.32
N VAL B 130 -22.07 4.85 -16.35
CA VAL B 130 -23.14 3.87 -16.19
C VAL B 130 -22.70 2.72 -15.29
N LEU B 131 -21.43 2.33 -15.42
CA LEU B 131 -20.89 1.24 -14.61
C LEU B 131 -20.71 1.69 -13.17
N GLU B 132 -20.56 2.99 -12.98
CA GLU B 132 -20.38 3.56 -11.64
C GLU B 132 -21.74 3.79 -10.95
N GLU B 133 -22.74 4.18 -11.72
CA GLU B 133 -24.07 4.46 -11.18
C GLU B 133 -24.87 3.20 -10.90
N TYR B 134 -24.85 2.27 -11.84
CA TYR B 134 -25.62 1.03 -11.72
C TYR B 134 -24.70 -0.19 -11.77
N PRO B 135 -24.08 -0.52 -10.63
CA PRO B 135 -23.10 -1.61 -10.53
C PRO B 135 -23.72 -2.99 -10.81
N ASP B 136 -25.02 -3.12 -10.61
CA ASP B 136 -25.71 -4.39 -10.83
C ASP B 136 -25.89 -4.69 -12.31
N SER B 137 -25.72 -3.67 -13.14
CA SER B 137 -25.81 -3.84 -14.59
C SER B 137 -24.43 -4.04 -15.20
N GLY B 138 -23.47 -4.42 -14.36
CA GLY B 138 -22.10 -4.61 -14.79
C GLY B 138 -21.95 -5.65 -15.88
N GLU B 139 -22.63 -6.78 -15.71
CA GLU B 139 -22.57 -7.86 -16.68
C GLU B 139 -23.20 -7.47 -18.01
N ASN B 140 -24.33 -6.78 -17.95
CA ASN B 140 -25.01 -6.32 -19.16
C ASN B 140 -24.18 -5.30 -19.93
N ILE B 141 -23.49 -4.43 -19.20
CA ILE B 141 -22.61 -3.44 -19.80
C ILE B 141 -21.44 -4.11 -20.53
N VAL B 142 -20.77 -5.04 -19.85
CA VAL B 142 -19.64 -5.76 -20.42
C VAL B 142 -20.04 -6.55 -21.67
N ASP B 143 -21.24 -7.13 -21.65
CA ASP B 143 -21.74 -7.87 -22.81
C ASP B 143 -21.84 -6.97 -24.04
N ALA B 144 -22.30 -5.74 -23.82
CA ALA B 144 -22.43 -4.78 -24.91
C ALA B 144 -21.05 -4.36 -25.42
N LEU B 145 -20.10 -4.26 -24.51
CA LEU B 145 -18.74 -3.90 -24.87
C LEU B 145 -18.10 -4.98 -25.73
N ALA B 146 -18.28 -6.24 -25.33
CA ALA B 146 -17.69 -7.36 -26.05
C ALA B 146 -18.26 -7.47 -27.47
N VAL B 147 -19.58 -7.31 -27.58
CA VAL B 147 -20.24 -7.32 -28.88
C VAL B 147 -19.70 -6.19 -29.76
N PHE B 148 -19.64 -4.99 -29.20
CA PHE B 148 -19.14 -3.82 -29.91
C PHE B 148 -17.69 -4.03 -30.36
N LEU B 149 -16.86 -4.52 -29.45
CA LEU B 149 -15.45 -4.75 -29.75
C LEU B 149 -15.27 -5.86 -30.79
N ARG B 150 -16.12 -6.87 -30.72
CA ARG B 150 -16.08 -7.95 -31.70
C ARG B 150 -16.44 -7.44 -33.09
N ARG B 151 -17.41 -6.54 -33.14
CA ARG B 151 -17.83 -5.95 -34.41
C ARG B 151 -16.71 -5.11 -35.03
N LEU B 152 -16.04 -4.32 -34.19
CA LEU B 152 -14.94 -3.49 -34.65
C LEU B 152 -13.79 -4.34 -35.18
N HIS B 153 -13.50 -5.44 -34.50
CA HIS B 153 -12.39 -6.31 -34.86
C HIS B 153 -12.74 -7.27 -35.99
N SER B 154 -14.00 -7.27 -36.40
CA SER B 154 -14.45 -8.12 -37.51
C SER B 154 -14.32 -7.41 -38.85
N ILE B 155 -14.09 -6.10 -38.81
CA ILE B 155 -13.88 -5.31 -40.01
C ILE B 155 -12.66 -5.82 -40.75
N PRO B 156 -12.85 -6.23 -42.02
CA PRO B 156 -11.74 -6.73 -42.84
C PRO B 156 -10.60 -5.71 -42.91
N VAL B 157 -9.42 -6.16 -42.50
CA VAL B 157 -8.21 -5.34 -42.45
C VAL B 157 -7.93 -4.62 -43.77
N CYS B 158 -8.29 -5.26 -44.87
CA CYS B 158 -8.09 -4.70 -46.20
C CYS B 158 -8.83 -3.37 -46.41
N ASN B 159 -9.82 -3.09 -45.57
CA ASN B 159 -10.61 -1.86 -45.69
C ASN B 159 -9.97 -0.67 -44.97
N CYS B 160 -8.96 -0.93 -44.16
CA CYS B 160 -8.38 0.11 -43.31
C CYS B 160 -7.10 0.70 -43.89
N PRO B 161 -7.12 2.01 -44.18
CA PRO B 161 -5.99 2.74 -44.76
C PRO B 161 -5.05 3.29 -43.69
N PHE B 162 -5.28 2.92 -42.43
CA PHE B 162 -4.50 3.46 -41.32
C PHE B 162 -3.62 2.40 -40.66
N ASN B 163 -2.39 2.78 -40.37
CA ASN B 163 -1.44 1.89 -39.71
C ASN B 163 -1.17 2.31 -38.28
N SER B 164 -1.48 1.43 -37.33
CA SER B 164 -1.26 1.74 -35.92
C SER B 164 -0.50 0.62 -35.20
N ASP B 165 0.27 -0.18 -35.93
CA ASP B 165 0.96 -1.32 -35.33
C ASP B 165 2.01 -0.92 -34.30
N ARG B 166 2.56 -1.89 -33.59
CA ARG B 166 3.46 -1.62 -32.48
C ARG B 166 4.74 -0.91 -32.91
N VAL B 167 5.23 -1.22 -34.10
CA VAL B 167 6.43 -0.59 -34.62
C VAL B 167 6.19 0.90 -34.84
N PHE B 168 4.99 1.23 -35.29
CA PHE B 168 4.58 2.62 -35.47
C PHE B 168 4.39 3.30 -34.13
N ARG B 169 3.75 2.61 -33.19
N ARG B 169 3.74 2.60 -33.20
CA ARG B 169 3.46 3.16 -31.87
CA ARG B 169 3.46 3.15 -31.87
C ARG B 169 4.73 3.33 -31.03
C ARG B 169 4.73 3.33 -31.04
N LEU B 170 5.62 2.35 -31.11
CA LEU B 170 6.88 2.41 -30.35
C LEU B 170 7.75 3.58 -30.80
N ALA B 171 7.74 3.86 -32.11
CA ALA B 171 8.46 4.99 -32.65
C ALA B 171 7.90 6.31 -32.09
N GLN B 172 6.58 6.39 -31.98
CA GLN B 172 5.93 7.55 -31.40
C GLN B 172 6.30 7.68 -29.93
N ALA B 173 6.30 6.56 -29.22
CA ALA B 173 6.61 6.55 -27.79
C ALA B 173 8.03 7.02 -27.52
N GLN B 174 8.97 6.53 -28.31
CA GLN B 174 10.37 6.93 -28.17
C GLN B 174 10.53 8.43 -28.38
N SER B 175 9.84 8.95 -29.39
CA SER B 175 9.88 10.38 -29.70
C SER B 175 9.31 11.19 -28.55
N ARG B 176 8.21 10.72 -27.98
CA ARG B 176 7.57 11.41 -26.86
C ARG B 176 8.43 11.35 -25.60
N ASN B 178 11.84 11.08 -25.54
CA ASN B 178 13.00 11.93 -25.77
C ASN B 178 12.67 13.42 -25.68
N ASN B 179 11.44 13.78 -26.00
CA ASN B 179 11.01 15.17 -25.97
C ASN B 179 10.40 15.58 -24.64
N GLY B 180 10.44 14.66 -23.66
CA GLY B 180 9.94 14.93 -22.33
C GLY B 180 8.43 15.12 -22.27
N LEU B 181 7.72 14.49 -23.20
CA LEU B 181 6.27 14.63 -23.27
C LEU B 181 5.54 13.60 -22.41
N VAL B 182 6.29 12.64 -21.88
CA VAL B 182 5.72 11.57 -21.06
C VAL B 182 5.59 11.98 -19.60
N ASP B 183 4.38 11.88 -19.05
CA ASP B 183 4.13 12.24 -17.66
C ASP B 183 4.30 11.04 -16.74
N ALA B 184 5.40 11.03 -15.99
CA ALA B 184 5.71 9.91 -15.11
C ALA B 184 4.78 9.81 -13.91
N SER B 185 4.10 10.90 -13.59
CA SER B 185 3.18 10.93 -12.45
C SER B 185 1.82 10.35 -12.82
N ASP B 186 1.66 10.00 -14.08
CA ASP B 186 0.38 9.47 -14.56
C ASP B 186 0.52 7.98 -14.93
N PHE B 187 1.59 7.35 -14.43
CA PHE B 187 1.77 5.93 -14.63
C PHE B 187 0.76 5.15 -13.80
N ASP B 188 0.48 3.92 -14.21
CA ASP B 188 -0.41 3.04 -13.46
C ASP B 188 0.23 2.74 -12.11
N ASP B 189 -0.58 2.22 -11.18
CA ASP B 189 -0.12 1.91 -9.83
C ASP B 189 1.09 0.98 -9.83
N GLU B 190 1.13 0.07 -10.80
N GLU B 190 1.13 0.07 -10.80
CA GLU B 190 2.20 -0.90 -10.93
CA GLU B 190 2.22 -0.90 -10.91
C GLU B 190 3.53 -0.23 -11.30
C GLU B 190 3.54 -0.22 -11.28
N ARG B 191 3.45 0.92 -11.96
CA ARG B 191 4.64 1.65 -12.39
C ARG B 191 4.79 3.00 -11.70
N ASN B 192 4.15 3.16 -10.54
CA ASN B 192 4.20 4.43 -9.83
C ASN B 192 5.58 4.76 -9.28
N GLY B 193 6.16 5.86 -9.74
CA GLY B 193 7.47 6.28 -9.27
C GLY B 193 8.60 5.88 -10.20
N TRP B 194 8.28 5.05 -11.18
CA TRP B 194 9.29 4.58 -12.13
C TRP B 194 9.78 5.69 -13.05
N PRO B 195 11.07 5.69 -13.36
CA PRO B 195 11.61 6.57 -14.40
C PRO B 195 11.06 6.14 -15.75
N VAL B 196 10.77 7.10 -16.63
CA VAL B 196 10.21 6.80 -17.94
C VAL B 196 11.10 5.83 -18.71
N GLU B 197 12.41 5.95 -18.50
CA GLU B 197 13.38 5.07 -19.15
C GLU B 197 13.24 3.63 -18.66
N GLN B 198 12.94 3.45 -17.39
CA GLN B 198 12.80 2.11 -16.82
C GLN B 198 11.62 1.37 -17.45
N VAL B 199 10.49 2.08 -17.58
CA VAL B 199 9.32 1.52 -18.24
C VAL B 199 9.66 1.13 -19.67
N TRP B 200 10.43 2.00 -20.33
CA TRP B 200 10.86 1.76 -21.69
C TRP B 200 11.73 0.51 -21.80
N LYS B 201 12.70 0.39 -20.90
CA LYS B 201 13.60 -0.77 -20.89
CA LYS B 201 13.59 -0.77 -20.89
C LYS B 201 12.83 -2.06 -20.66
N GLU B 202 12.00 -2.07 -19.63
CA GLU B 202 11.25 -3.27 -19.24
C GLU B 202 10.21 -3.70 -20.27
N HIS B 204 10.37 -3.44 -23.57
CA HIS B 204 11.02 -4.11 -24.68
C HIS B 204 11.48 -5.53 -24.34
N LYS B 205 11.62 -5.82 -23.06
CA LYS B 205 12.01 -7.16 -22.63
C LYS B 205 10.86 -8.15 -22.80
N LEU B 206 9.64 -7.62 -22.95
CA LEU B 206 8.47 -8.45 -23.19
C LEU B 206 8.40 -8.87 -24.66
N LEU B 207 9.08 -8.11 -25.52
CA LEU B 207 9.13 -8.41 -26.94
C LEU B 207 10.02 -9.63 -27.20
N PRO B 208 9.78 -10.36 -28.30
CA PRO B 208 8.75 -10.10 -29.30
C PRO B 208 7.50 -10.95 -29.09
N PHE B 209 6.47 -10.69 -29.90
CA PHE B 209 5.29 -11.53 -29.94
C PHE B 209 4.69 -11.53 -31.35
N SER B 210 3.84 -12.50 -31.64
CA SER B 210 3.23 -12.61 -32.96
C SER B 210 2.00 -11.72 -33.09
N PRO B 211 2.03 -10.78 -34.05
CA PRO B 211 0.95 -9.81 -34.25
C PRO B 211 -0.35 -10.46 -34.70
N ASP B 212 -1.41 -10.24 -33.95
CA ASP B 212 -2.75 -10.69 -34.34
C ASP B 212 -3.54 -9.45 -34.75
N SER B 213 -3.34 -9.00 -35.99
CA SER B 213 -3.76 -7.68 -36.42
C SER B 213 -5.24 -7.57 -36.82
N VAL B 214 -5.92 -6.60 -36.21
CA VAL B 214 -7.29 -6.25 -36.59
C VAL B 214 -7.42 -4.74 -36.67
N VAL B 215 -8.59 -4.27 -37.07
CA VAL B 215 -8.89 -2.85 -37.02
C VAL B 215 -9.15 -2.48 -35.55
N THR B 216 -8.32 -1.60 -35.01
CA THR B 216 -8.43 -1.26 -33.59
C THR B 216 -8.88 0.18 -33.36
N HIS B 217 -9.34 0.46 -32.15
CA HIS B 217 -9.79 1.79 -31.78
C HIS B 217 -8.61 2.67 -31.37
N GLY B 218 -7.72 2.10 -30.57
CA GLY B 218 -6.52 2.82 -30.14
C GLY B 218 -6.60 3.29 -28.70
N ASP B 219 -7.79 3.66 -28.28
CA ASP B 219 -8.01 4.10 -26.91
C ASP B 219 -9.39 3.63 -26.46
N PHE B 220 -9.56 2.32 -26.41
CA PHE B 220 -10.85 1.71 -26.10
C PHE B 220 -11.10 1.74 -24.59
N SER B 221 -11.26 2.95 -24.04
CA SER B 221 -11.48 3.13 -22.62
C SER B 221 -12.96 3.41 -22.32
N LEU B 222 -13.32 3.29 -21.05
CA LEU B 222 -14.70 3.44 -20.62
C LEU B 222 -15.25 4.86 -20.80
N ASP B 223 -14.35 5.83 -20.91
CA ASP B 223 -14.75 7.23 -21.11
C ASP B 223 -14.96 7.56 -22.59
N ASN B 224 -14.65 6.61 -23.47
CA ASN B 224 -14.80 6.81 -24.90
C ASN B 224 -15.97 6.02 -25.48
N LEU B 225 -16.63 5.26 -24.62
CA LEU B 225 -17.80 4.49 -25.03
C LEU B 225 -19.03 5.10 -24.40
N ILE B 226 -20.04 5.42 -25.20
N ILE B 226 -20.03 5.43 -25.20
CA ILE B 226 -21.21 6.11 -24.69
CA ILE B 226 -21.22 6.11 -24.72
C ILE B 226 -22.48 5.26 -24.76
C ILE B 226 -22.46 5.23 -24.76
N PHE B 227 -23.15 5.13 -23.62
CA PHE B 227 -24.37 4.34 -23.52
C PHE B 227 -25.61 5.24 -23.47
N ASP B 228 -26.66 4.83 -24.18
CA ASP B 228 -27.92 5.55 -24.14
C ASP B 228 -29.10 4.59 -24.07
N GLU B 229 -29.85 4.67 -22.97
CA GLU B 229 -31.01 3.81 -22.76
C GLU B 229 -30.65 2.33 -22.77
N GLY B 230 -29.66 1.96 -21.97
CA GLY B 230 -29.24 0.58 -21.83
C GLY B 230 -28.53 0.02 -23.06
N LYS B 231 -28.24 0.87 -24.03
CA LYS B 231 -27.58 0.44 -25.25
C LYS B 231 -26.34 1.26 -25.58
N LEU B 232 -25.26 0.57 -25.91
CA LEU B 232 -24.04 1.23 -26.34
C LEU B 232 -24.23 1.74 -27.76
N ILE B 233 -24.33 3.06 -27.92
CA ILE B 233 -24.73 3.63 -29.20
C ILE B 233 -23.60 4.31 -29.98
N GLY B 234 -22.38 4.30 -29.44
CA GLY B 234 -21.25 4.87 -30.16
C GLY B 234 -19.98 5.05 -29.37
N CYS B 235 -18.90 5.32 -30.08
CA CYS B 235 -17.61 5.58 -29.45
C CYS B 235 -16.99 6.87 -29.99
N ILE B 236 -16.12 7.48 -29.18
CA ILE B 236 -15.47 8.74 -29.55
C ILE B 236 -13.96 8.60 -29.42
N ASP B 237 -13.24 9.71 -29.62
CA ASP B 237 -11.80 9.78 -29.41
C ASP B 237 -11.07 8.73 -30.26
N VAL B 238 -11.23 8.83 -31.57
CA VAL B 238 -10.76 7.80 -32.49
C VAL B 238 -9.48 8.18 -33.24
N GLY B 239 -8.67 9.04 -32.64
CA GLY B 239 -7.46 9.52 -33.29
C GLY B 239 -6.39 8.47 -33.55
N ARG B 240 -6.49 7.33 -32.86
N ARG B 240 -6.50 7.33 -32.87
CA ARG B 240 -5.49 6.27 -33.01
CA ARG B 240 -5.50 6.27 -32.99
C ARG B 240 -6.05 5.02 -33.69
C ARG B 240 -6.01 5.05 -33.76
N VAL B 241 -7.19 5.19 -34.36
CA VAL B 241 -7.78 4.09 -35.13
C VAL B 241 -6.85 3.65 -36.26
N GLY B 242 -6.72 2.33 -36.41
CA GLY B 242 -5.87 1.76 -37.45
C GLY B 242 -5.55 0.31 -37.14
N ILE B 243 -4.87 -0.34 -38.07
CA ILE B 243 -4.50 -1.74 -37.90
C ILE B 243 -3.45 -1.89 -36.80
N ALA B 244 -3.76 -2.70 -35.81
CA ALA B 244 -2.84 -2.98 -34.71
C ALA B 244 -3.20 -4.33 -34.11
N ASP B 245 -2.44 -4.76 -33.10
CA ASP B 245 -2.73 -6.03 -32.45
C ASP B 245 -4.07 -5.96 -31.75
N ARG B 246 -4.74 -7.11 -31.71
CA ARG B 246 -6.03 -7.26 -31.04
C ARG B 246 -5.99 -6.70 -29.62
N TYR B 247 -4.89 -6.96 -28.92
CA TYR B 247 -4.78 -6.58 -27.52
C TYR B 247 -4.58 -5.09 -27.28
N GLN B 248 -4.43 -4.32 -28.36
CA GLN B 248 -4.37 -2.86 -28.22
C GLN B 248 -5.65 -2.35 -27.58
N ASP B 249 -6.78 -2.93 -27.99
CA ASP B 249 -8.08 -2.56 -27.43
C ASP B 249 -8.40 -3.36 -26.18
N LEU B 250 -8.10 -4.65 -26.22
CA LEU B 250 -8.40 -5.54 -25.10
C LEU B 250 -7.70 -5.11 -23.82
N ALA B 251 -6.41 -4.79 -23.92
CA ALA B 251 -5.63 -4.41 -22.74
C ALA B 251 -6.16 -3.14 -22.07
N ILE B 252 -6.47 -2.13 -22.88
CA ILE B 252 -7.01 -0.88 -22.36
C ILE B 252 -8.31 -1.11 -21.58
N LEU B 253 -9.27 -1.75 -22.24
CA LEU B 253 -10.58 -2.00 -21.63
C LEU B 253 -10.48 -2.92 -20.41
N TRP B 254 -9.65 -3.95 -20.51
CA TRP B 254 -9.43 -4.88 -19.40
C TRP B 254 -8.96 -4.13 -18.17
N ASN B 255 -7.98 -3.25 -18.35
CA ASN B 255 -7.45 -2.44 -17.26
C ASN B 255 -8.50 -1.52 -16.66
N CYS B 256 -9.36 -0.94 -17.51
CA CYS B 256 -10.40 -0.04 -17.04
C CYS B 256 -11.45 -0.77 -16.19
N LEU B 257 -11.81 -1.96 -16.62
CA LEU B 257 -12.82 -2.75 -15.92
C LEU B 257 -12.31 -3.25 -14.56
N GLY B 258 -10.99 -3.33 -14.43
CA GLY B 258 -10.37 -3.78 -13.20
C GLY B 258 -10.60 -2.84 -12.03
N GLU B 259 -10.97 -1.60 -12.34
CA GLU B 259 -11.29 -0.62 -11.31
C GLU B 259 -12.65 -0.93 -10.70
N PHE B 260 -13.39 -1.81 -11.35
CA PHE B 260 -14.72 -2.21 -10.88
C PHE B 260 -14.74 -3.62 -10.32
N SER B 261 -14.31 -4.60 -11.12
CA SER B 261 -14.32 -6.00 -10.72
C SER B 261 -13.47 -6.88 -11.61
N PRO B 262 -12.78 -7.87 -11.01
CA PRO B 262 -12.05 -8.88 -11.77
C PRO B 262 -13.01 -9.81 -12.51
N SER B 263 -14.24 -9.91 -12.02
CA SER B 263 -15.25 -10.74 -12.67
C SER B 263 -15.69 -10.12 -13.99
N LEU B 264 -15.71 -8.79 -14.04
CA LEU B 264 -16.05 -8.08 -15.25
C LEU B 264 -14.92 -8.19 -16.27
N GLN B 265 -13.69 -8.19 -15.75
CA GLN B 265 -12.52 -8.39 -16.60
C GLN B 265 -12.58 -9.78 -17.23
N LYS B 266 -12.89 -10.78 -16.42
CA LYS B 266 -13.02 -12.15 -16.88
C LYS B 266 -14.12 -12.28 -17.92
N ARG B 267 -15.26 -11.65 -17.64
CA ARG B 267 -16.42 -11.74 -18.52
C ARG B 267 -16.15 -11.13 -19.90
N LEU B 268 -15.37 -10.06 -19.93
CA LEU B 268 -15.01 -9.41 -21.19
C LEU B 268 -14.36 -10.37 -22.16
N PHE B 269 -13.30 -11.03 -21.71
CA PHE B 269 -12.55 -11.95 -22.56
C PHE B 269 -13.40 -13.15 -22.99
N GLN B 270 -14.20 -13.68 -22.07
CA GLN B 270 -15.05 -14.82 -22.38
C GLN B 270 -16.13 -14.46 -23.40
N LYS B 271 -16.75 -13.30 -23.22
CA LYS B 271 -17.77 -12.84 -24.14
C LYS B 271 -17.17 -12.39 -25.46
N TYR B 272 -15.91 -11.96 -25.42
CA TYR B 272 -15.20 -11.55 -26.63
C TYR B 272 -14.81 -12.78 -27.46
N GLY B 273 -14.40 -13.85 -26.78
CA GLY B 273 -14.08 -15.10 -27.45
C GLY B 273 -12.70 -15.65 -27.14
N ILE B 274 -12.12 -15.18 -26.04
CA ILE B 274 -10.82 -15.68 -25.59
C ILE B 274 -10.90 -16.06 -24.11
N ASP B 275 -10.74 -17.34 -23.82
CA ASP B 275 -10.89 -17.82 -22.44
C ASP B 275 -9.79 -17.30 -21.51
N ASN B 276 -8.54 -17.54 -21.86
CA ASN B 276 -7.42 -17.08 -21.06
C ASN B 276 -6.64 -15.97 -21.76
N PRO B 277 -6.57 -14.79 -21.14
CA PRO B 277 -5.86 -13.63 -21.70
C PRO B 277 -4.37 -13.89 -21.91
N ASP B 278 -3.85 -13.42 -23.03
CA ASP B 278 -2.42 -13.46 -23.30
C ASP B 278 -1.75 -12.41 -22.42
N ASN B 280 1.32 -11.67 -21.73
CA ASN B 280 2.44 -10.94 -22.31
C ASN B 280 1.97 -9.78 -23.20
N LYS B 281 1.01 -10.06 -24.08
CA LYS B 281 0.40 -9.03 -24.91
C LYS B 281 -0.34 -8.02 -24.03
N LEU B 282 -0.96 -8.53 -22.97
CA LEU B 282 -1.71 -7.69 -22.05
C LEU B 282 -0.81 -6.66 -21.37
N GLN B 283 0.32 -7.13 -20.84
CA GLN B 283 1.27 -6.27 -20.15
C GLN B 283 1.97 -5.30 -21.11
N PHE B 284 2.31 -5.77 -22.31
CA PHE B 284 3.00 -4.92 -23.27
C PHE B 284 2.17 -3.72 -23.69
N HIS B 285 0.91 -3.97 -24.04
CA HIS B 285 0.03 -2.92 -24.52
C HIS B 285 -0.35 -1.94 -23.40
N LEU B 286 -0.36 -2.43 -22.17
CA LEU B 286 -0.62 -1.57 -21.02
C LEU B 286 0.55 -0.63 -20.74
N LEU B 288 2.73 0.29 -23.00
CA LEU B 288 2.83 1.18 -24.15
C LEU B 288 1.94 2.41 -23.99
N ASP B 289 0.80 2.22 -23.36
CA ASP B 289 -0.17 3.30 -23.19
C ASP B 289 0.32 4.37 -22.23
N GLU B 290 1.30 4.02 -21.39
CA GLU B 290 1.87 4.97 -20.43
C GLU B 290 2.59 6.13 -21.10
N PHE B 291 2.96 5.94 -22.37
CA PHE B 291 3.73 6.94 -23.11
C PHE B 291 2.82 7.90 -23.87
N PHE B 292 1.51 7.73 -23.75
CA PHE B 292 0.56 8.56 -24.48
C PHE B 292 -0.47 9.18 -23.54
N HIS C 24 -44.78 22.54 36.44
CA HIS C 24 -45.10 23.24 35.20
C HIS C 24 -44.51 22.53 33.98
N ILE C 25 -43.26 22.87 33.65
CA ILE C 25 -42.58 22.28 32.50
C ILE C 25 -42.04 20.89 32.85
N GLN C 26 -42.05 19.99 31.88
CA GLN C 26 -41.52 18.64 32.07
C GLN C 26 -40.00 18.67 32.10
N ARG C 27 -39.40 17.74 32.86
CA ARG C 27 -37.95 17.59 32.88
C ARG C 27 -37.42 17.28 31.49
N GLU C 28 -38.15 16.45 30.77
CA GLU C 28 -37.78 16.07 29.42
C GLU C 28 -38.97 16.23 28.48
N THR C 29 -38.69 16.53 27.22
CA THR C 29 -39.74 16.77 26.24
C THR C 29 -39.53 15.87 25.01
N SER C 30 -40.54 15.07 24.70
CA SER C 30 -40.51 14.20 23.53
C SER C 30 -40.24 15.00 22.26
N CYS C 31 -39.12 14.73 21.61
CA CYS C 31 -38.73 15.48 20.42
C CYS C 31 -38.37 14.54 19.28
N SER C 32 -37.81 15.10 18.21
CA SER C 32 -37.35 14.30 17.08
C SER C 32 -35.83 14.15 17.11
N ARG C 33 -35.32 13.41 16.14
CA ARG C 33 -33.89 13.11 16.07
C ARG C 33 -33.08 14.28 15.51
N PRO C 34 -32.08 14.74 16.27
CA PRO C 34 -31.21 15.85 15.84
C PRO C 34 -30.31 15.42 14.69
N ARG C 35 -29.77 16.38 13.95
CA ARG C 35 -28.81 16.07 12.91
C ARG C 35 -27.49 15.68 13.55
N LEU C 36 -26.98 14.50 13.18
CA LEU C 36 -25.77 13.97 13.79
C LEU C 36 -24.49 14.53 13.16
N ASN C 37 -23.35 13.97 13.55
CA ASN C 37 -22.05 14.47 13.13
C ASN C 37 -21.73 14.18 11.67
N SER C 38 -20.76 14.91 11.13
CA SER C 38 -20.22 14.64 9.81
C SER C 38 -19.08 13.65 9.94
N ASN C 39 -19.30 12.42 9.50
CA ASN C 39 -18.32 11.36 9.68
C ASN C 39 -17.03 11.57 8.88
N LEU C 40 -15.93 11.04 9.39
CA LEU C 40 -14.64 11.20 8.74
C LEU C 40 -14.51 10.44 7.44
N ASP C 41 -15.40 9.46 7.25
CA ASP C 41 -15.37 8.60 6.06
C ASP C 41 -15.52 9.39 4.77
N ALA C 42 -16.24 10.51 4.85
CA ALA C 42 -16.48 11.34 3.68
C ALA C 42 -15.44 12.43 3.53
N ASP C 43 -14.61 12.59 4.55
CA ASP C 43 -13.58 13.64 4.54
C ASP C 43 -12.22 13.11 4.09
N LEU C 44 -12.02 11.81 4.21
CA LEU C 44 -10.72 11.20 3.91
C LEU C 44 -10.59 10.78 2.45
N TYR C 45 -11.57 11.15 1.63
CA TYR C 45 -11.53 10.84 0.21
C TYR C 45 -10.46 11.66 -0.50
N GLY C 46 -9.79 11.06 -1.48
CA GLY C 46 -8.80 11.75 -2.26
C GLY C 46 -7.39 11.61 -1.73
N TYR C 47 -7.27 11.23 -0.46
CA TYR C 47 -5.97 11.06 0.16
C TYR C 47 -5.31 9.75 -0.23
N ARG C 48 -3.98 9.78 -0.37
CA ARG C 48 -3.19 8.56 -0.49
C ARG C 48 -2.75 8.15 0.91
N TRP C 49 -2.34 6.90 1.06
CA TRP C 49 -2.02 6.36 2.37
C TRP C 49 -0.61 5.78 2.45
N ALA C 50 0.03 5.98 3.59
CA ALA C 50 1.33 5.39 3.86
C ALA C 50 1.40 4.96 5.33
N ARG C 51 1.71 3.69 5.56
CA ARG C 51 1.80 3.16 6.91
C ARG C 51 3.14 3.51 7.56
N ASP C 52 3.08 4.08 8.76
CA ASP C 52 4.29 4.43 9.50
C ASP C 52 4.90 3.19 10.15
N ASN C 53 6.23 3.13 10.15
CA ASN C 53 6.96 2.01 10.72
C ASN C 53 7.88 2.42 11.87
N VAL C 54 7.83 3.71 12.24
CA VAL C 54 8.67 4.24 13.30
C VAL C 54 8.10 3.96 14.69
N GLY C 55 6.81 4.22 14.87
CA GLY C 55 6.15 4.03 16.15
C GLY C 55 6.18 2.59 16.64
N GLN C 56 6.33 2.42 17.95
CA GLN C 56 6.42 1.09 18.55
C GLN C 56 5.50 0.97 19.76
N SER C 57 4.46 1.80 19.82
CA SER C 57 3.57 1.84 20.98
C SER C 57 2.42 0.85 20.88
N GLY C 58 2.21 0.30 19.69
CA GLY C 58 1.11 -0.63 19.48
C GLY C 58 -0.01 -0.02 18.66
N ALA C 59 -0.05 1.31 18.60
CA ALA C 59 -1.06 2.01 17.80
C ALA C 59 -0.70 1.95 16.32
N THR C 60 -1.69 1.77 15.46
CA THR C 60 -1.47 1.83 14.02
C THR C 60 -1.50 3.28 13.57
N ILE C 61 -0.52 3.65 12.74
CA ILE C 61 -0.36 5.04 12.31
C ILE C 61 -0.20 5.14 10.80
N TYR C 62 -1.01 5.99 10.18
CA TYR C 62 -0.93 6.21 8.74
C TYR C 62 -0.71 7.68 8.45
N ARG C 63 0.03 7.97 7.37
CA ARG C 63 0.13 9.32 6.87
C ARG C 63 -0.82 9.47 5.69
N LEU C 64 -1.60 10.55 5.68
CA LEU C 64 -2.52 10.82 4.59
C LEU C 64 -1.93 11.96 3.75
N TYR C 65 -1.71 11.71 2.47
CA TYR C 65 -1.04 12.67 1.61
C TYR C 65 -1.51 12.58 0.16
N GLY C 66 -0.97 13.45 -0.69
CA GLY C 66 -1.19 13.36 -2.11
C GLY C 66 -2.51 13.92 -2.61
N LYS C 67 -3.28 14.54 -1.72
CA LYS C 67 -4.55 15.13 -2.12
C LYS C 67 -4.41 16.62 -2.44
N PRO C 68 -4.66 16.99 -3.70
CA PRO C 68 -4.55 18.37 -4.17
C PRO C 68 -5.40 19.34 -3.37
N ASN C 69 -4.84 20.49 -3.02
CA ASN C 69 -5.52 21.51 -2.22
C ASN C 69 -5.96 21.02 -0.85
N ALA C 70 -5.25 20.02 -0.33
CA ALA C 70 -5.54 19.48 0.99
C ALA C 70 -4.24 19.23 1.75
N PRO C 71 -4.25 19.50 3.07
CA PRO C 71 -3.04 19.33 3.88
C PRO C 71 -2.80 17.86 4.22
N GLU C 72 -1.55 17.50 4.47
CA GLU C 72 -1.22 16.14 4.88
C GLU C 72 -1.69 15.88 6.31
N LEU C 73 -2.14 14.65 6.56
CA LEU C 73 -2.69 14.31 7.87
C LEU C 73 -2.08 13.02 8.43
N PHE C 74 -2.31 12.79 9.71
CA PHE C 74 -1.91 11.56 10.36
C PHE C 74 -3.09 10.93 11.09
N LEU C 75 -3.26 9.64 10.93
CA LEU C 75 -4.30 8.89 11.62
C LEU C 75 -3.68 7.90 12.60
N LYS C 76 -3.98 8.07 13.88
CA LYS C 76 -3.44 7.20 14.92
C LYS C 76 -4.58 6.42 15.57
N HIS C 77 -4.53 5.09 15.44
CA HIS C 77 -5.59 4.24 15.95
C HIS C 77 -5.11 3.32 17.06
N GLY C 78 -5.73 3.44 18.23
CA GLY C 78 -5.37 2.61 19.36
C GLY C 78 -6.47 1.60 19.67
N LYS C 79 -6.05 0.41 20.08
CA LYS C 79 -6.98 -0.67 20.41
C LYS C 79 -6.73 -1.15 21.83
N GLY C 80 -7.80 -1.50 22.53
CA GLY C 80 -7.70 -1.96 23.91
C GLY C 80 -7.11 -0.90 24.83
N SER C 81 -5.99 -1.23 25.46
CA SER C 81 -5.33 -0.28 26.36
C SER C 81 -4.72 0.89 25.58
N VAL C 82 -4.37 0.64 24.32
CA VAL C 82 -3.79 1.67 23.47
C VAL C 82 -4.83 2.72 23.13
N ALA C 83 -6.10 2.31 23.12
CA ALA C 83 -7.20 3.24 22.90
C ALA C 83 -7.19 4.32 23.97
N ASN C 84 -6.90 3.93 25.20
CA ASN C 84 -6.78 4.87 26.30
C ASN C 84 -5.58 5.80 26.12
N ASP C 85 -4.49 5.24 25.62
CA ASP C 85 -3.26 6.00 25.38
C ASP C 85 -3.47 7.08 24.33
N VAL C 86 -4.21 6.74 23.28
CA VAL C 86 -4.49 7.67 22.19
C VAL C 86 -5.48 8.75 22.67
N THR C 87 -6.45 8.33 23.48
CA THR C 87 -7.40 9.26 24.07
C THR C 87 -6.68 10.28 24.95
N ASP C 88 -5.74 9.78 25.75
CA ASP C 88 -4.92 10.65 26.62
C ASP C 88 -4.16 11.66 25.79
N GLU C 89 -3.66 11.22 24.64
CA GLU C 89 -2.92 12.09 23.74
C GLU C 89 -3.82 13.18 23.15
N VAL C 91 -6.60 14.69 24.33
CA VAL C 91 -6.96 15.77 25.25
C VAL C 91 -5.77 16.65 25.62
N ARG C 92 -4.60 16.04 25.74
CA ARG C 92 -3.40 16.80 26.05
C ARG C 92 -3.00 17.65 24.84
N LEU C 93 -3.25 17.12 23.66
CA LEU C 93 -3.01 17.86 22.42
C LEU C 93 -3.95 19.05 22.36
N ASN C 94 -5.20 18.81 22.74
CA ASN C 94 -6.22 19.84 22.73
C ASN C 94 -5.91 20.98 23.71
N TRP C 95 -5.27 20.64 24.83
CA TRP C 95 -4.91 21.65 25.82
C TRP C 95 -3.61 22.38 25.46
N LEU C 96 -2.56 21.61 25.21
CA LEU C 96 -1.23 22.17 25.07
C LEU C 96 -1.06 23.05 23.82
N THR C 97 -1.96 22.89 22.86
CA THR C 97 -1.87 23.62 21.60
C THR C 97 -1.96 25.14 21.78
N ALA C 98 -2.51 25.58 22.90
CA ALA C 98 -2.61 27.00 23.19
C ALA C 98 -1.27 27.57 23.64
N PHE C 99 -0.29 26.70 23.88
CA PHE C 99 1.00 27.13 24.40
C PHE C 99 2.16 26.78 23.47
N PRO C 101 3.63 24.74 19.68
CA PRO C 101 3.23 24.35 18.32
C PRO C 101 2.98 22.85 18.21
N LEU C 102 1.72 22.47 18.02
CA LEU C 102 1.32 21.07 17.98
C LEU C 102 0.52 20.77 16.72
N PRO C 103 0.32 19.48 16.41
CA PRO C 103 -0.63 19.12 15.36
C PRO C 103 -2.03 19.58 15.73
N THR C 104 -2.82 19.96 14.73
CA THR C 104 -4.20 20.37 14.97
C THR C 104 -5.12 19.16 14.86
N ILE C 105 -6.02 19.01 15.83
CA ILE C 105 -6.97 17.91 15.82
C ILE C 105 -8.09 18.16 14.81
N LYS C 106 -8.23 17.27 13.84
N LYS C 106 -8.22 17.27 13.84
CA LYS C 106 -9.29 17.41 12.85
CA LYS C 106 -9.26 17.38 12.83
C LYS C 106 -10.45 16.46 13.11
C LYS C 106 -10.45 16.50 13.19
N HIS C 107 -10.16 15.31 13.71
CA HIS C 107 -11.22 14.35 14.06
C HIS C 107 -10.74 13.35 15.10
N PHE C 108 -11.61 13.05 16.06
CA PHE C 108 -11.34 12.02 17.05
C PHE C 108 -12.58 11.19 17.29
N ILE C 109 -12.40 9.86 17.28
CA ILE C 109 -13.47 8.92 17.57
C ILE C 109 -13.08 8.05 18.75
N ARG C 110 -13.99 7.87 19.69
CA ARG C 110 -13.77 6.93 20.79
C ARG C 110 -14.96 5.98 20.95
N THR C 111 -14.69 4.69 20.77
CA THR C 111 -15.65 3.64 21.08
C THR C 111 -15.05 2.85 22.25
N PRO C 112 -15.84 1.97 22.90
CA PRO C 112 -15.35 1.30 24.12
C PRO C 112 -13.97 0.66 24.02
N ASP C 113 -13.61 0.13 22.86
CA ASP C 113 -12.33 -0.57 22.72
C ASP C 113 -11.42 0.06 21.67
N ASP C 114 -11.85 1.17 21.09
CA ASP C 114 -11.08 1.81 20.00
C ASP C 114 -11.05 3.33 20.10
N ALA C 115 -9.89 3.90 19.74
CA ALA C 115 -9.74 5.34 19.66
C ALA C 115 -9.02 5.71 18.37
N TRP C 116 -9.60 6.65 17.62
CA TRP C 116 -9.05 7.09 16.35
C TRP C 116 -8.70 8.55 16.42
N LEU C 117 -7.43 8.88 16.21
CA LEU C 117 -6.97 10.26 16.28
C LEU C 117 -6.46 10.77 14.93
N LEU C 118 -7.16 11.76 14.38
CA LEU C 118 -6.80 12.33 13.09
C LEU C 118 -6.29 13.76 13.25
N THR C 119 -4.99 13.95 13.08
CA THR C 119 -4.38 15.27 13.26
C THR C 119 -3.64 15.73 12.01
N THR C 120 -3.30 17.02 11.97
CA THR C 120 -2.53 17.57 10.85
C THR C 120 -1.09 17.10 10.91
N ALA C 121 -0.50 16.84 9.75
CA ALA C 121 0.90 16.45 9.68
C ALA C 121 1.80 17.66 9.86
N ILE C 122 2.84 17.49 10.70
CA ILE C 122 3.85 18.52 10.83
C ILE C 122 4.95 18.27 9.81
N PRO C 123 5.15 19.25 8.89
CA PRO C 123 6.10 19.11 7.78
C PRO C 123 7.54 19.05 8.27
N GLY C 124 8.40 18.35 7.53
CA GLY C 124 9.80 18.27 7.87
C GLY C 124 10.22 16.89 8.34
N LYS C 125 11.34 16.84 9.05
CA LYS C 125 11.88 15.58 9.54
C LYS C 125 12.11 15.64 11.05
N THR C 126 12.05 14.48 11.69
CA THR C 126 12.26 14.39 13.14
C THR C 126 13.70 14.73 13.50
N ALA C 127 13.94 15.07 14.75
CA ALA C 127 15.27 15.41 15.22
C ALA C 127 16.25 14.26 15.02
N PHE C 128 15.74 13.03 15.14
CA PHE C 128 16.56 11.84 14.96
C PHE C 128 17.08 11.76 13.51
N GLN C 129 16.19 12.00 12.56
CA GLN C 129 16.56 11.97 11.14
C GLN C 129 17.63 13.00 10.84
N VAL C 130 17.38 14.25 11.24
CA VAL C 130 18.30 15.34 10.99
C VAL C 130 19.66 15.10 11.65
N LEU C 131 19.64 14.39 12.78
CA LEU C 131 20.88 14.07 13.48
C LEU C 131 21.71 13.00 12.76
N GLU C 132 21.06 12.24 11.89
CA GLU C 132 21.76 11.24 11.09
C GLU C 132 22.17 11.81 9.73
N GLU C 133 21.27 12.59 9.13
CA GLU C 133 21.50 13.16 7.81
C GLU C 133 22.47 14.34 7.86
N TYR C 134 22.58 14.98 9.03
CA TYR C 134 23.48 16.11 9.20
C TYR C 134 24.22 16.05 10.53
N PRO C 135 25.29 15.22 10.59
CA PRO C 135 26.07 15.04 11.82
C PRO C 135 26.76 16.32 12.28
N ASP C 136 27.05 17.23 11.34
CA ASP C 136 27.73 18.48 11.67
C ASP C 136 26.78 19.49 12.31
N SER C 137 25.49 19.31 12.08
CA SER C 137 24.49 20.21 12.61
C SER C 137 23.99 19.75 13.98
N GLY C 138 24.78 18.91 14.63
CA GLY C 138 24.42 18.36 15.93
C GLY C 138 24.22 19.43 17.00
N GLU C 139 25.16 20.37 17.05
CA GLU C 139 25.08 21.46 18.03
C GLU C 139 23.91 22.39 17.73
N ASN C 140 23.66 22.64 16.46
CA ASN C 140 22.54 23.48 16.04
C ASN C 140 21.21 22.88 16.46
N ILE C 141 21.14 21.56 16.48
CA ILE C 141 19.93 20.85 16.87
C ILE C 141 19.72 20.88 18.38
N VAL C 142 20.76 20.49 19.12
CA VAL C 142 20.71 20.48 20.58
C VAL C 142 20.38 21.87 21.14
N ASP C 143 20.92 22.91 20.51
CA ASP C 143 20.62 24.28 20.92
C ASP C 143 19.13 24.58 20.72
N ALA C 144 18.58 24.12 19.60
CA ALA C 144 17.17 24.33 19.31
C ALA C 144 16.29 23.53 20.27
N LEU C 145 16.71 22.30 20.58
CA LEU C 145 15.96 21.44 21.50
C LEU C 145 15.90 22.04 22.90
N ALA C 146 16.98 22.70 23.31
CA ALA C 146 17.07 23.28 24.64
C ALA C 146 16.16 24.50 24.78
N VAL C 147 16.13 25.32 23.74
CA VAL C 147 15.26 26.50 23.72
C VAL C 147 13.80 26.06 23.77
N PHE C 148 13.48 25.03 23.00
CA PHE C 148 12.13 24.49 22.94
C PHE C 148 11.69 23.97 24.30
N LEU C 149 12.59 23.25 24.97
CA LEU C 149 12.28 22.66 26.27
C LEU C 149 12.13 23.72 27.34
N ARG C 150 12.97 24.76 27.29
CA ARG C 150 12.88 25.88 28.22
C ARG C 150 11.56 26.61 28.06
N ARG C 151 11.11 26.75 26.82
CA ARG C 151 9.82 27.36 26.52
C ARG C 151 8.69 26.53 27.11
N LEU C 152 8.75 25.22 26.89
CA LEU C 152 7.76 24.30 27.42
C LEU C 152 7.73 24.32 28.95
N HIS C 153 8.90 24.40 29.56
CA HIS C 153 9.01 24.38 31.00
C HIS C 153 8.72 25.74 31.65
N SER C 154 8.48 26.75 30.80
CA SER C 154 8.18 28.09 31.30
C SER C 154 6.69 28.29 31.54
N ILE C 155 5.88 27.41 30.95
CA ILE C 155 4.43 27.47 31.11
C ILE C 155 4.04 27.33 32.58
N PRO C 156 3.32 28.33 33.12
CA PRO C 156 2.86 28.33 34.51
C PRO C 156 2.11 27.06 34.88
N VAL C 157 2.53 26.43 35.97
CA VAL C 157 1.98 25.15 36.41
C VAL C 157 0.47 25.21 36.63
N CYS C 158 -0.02 26.39 37.02
CA CYS C 158 -1.45 26.57 37.32
C CYS C 158 -2.35 26.39 36.10
N ASN C 159 -1.75 26.40 34.91
CA ASN C 159 -2.51 26.24 33.68
C ASN C 159 -2.76 24.79 33.31
N CYS C 160 -1.99 23.88 33.91
CA CYS C 160 -1.98 22.49 33.49
C CYS C 160 -2.99 21.60 34.22
N PRO C 161 -3.99 21.09 33.49
CA PRO C 161 -5.04 20.23 34.03
C PRO C 161 -4.57 18.80 34.27
N PHE C 162 -3.36 18.48 33.82
CA PHE C 162 -2.90 17.09 33.84
C PHE C 162 -1.81 16.82 34.87
N ASN C 163 -1.90 15.67 35.51
CA ASN C 163 -0.95 15.27 36.54
C ASN C 163 -0.08 14.11 36.08
N SER C 164 1.23 14.30 36.11
CA SER C 164 2.19 13.27 35.72
C SER C 164 3.28 13.13 36.78
N ASP C 165 2.94 13.50 38.01
CA ASP C 165 3.92 13.52 39.10
C ASP C 165 4.55 12.16 39.38
N ARG C 166 5.59 12.17 40.21
CA ARG C 166 6.35 10.96 40.56
C ARG C 166 5.47 9.86 41.15
N VAL C 167 4.70 10.23 42.16
CA VAL C 167 3.83 9.28 42.86
C VAL C 167 2.78 8.71 41.91
N PHE C 168 2.33 9.53 40.96
CA PHE C 168 1.34 9.11 39.98
C PHE C 168 1.92 8.07 39.00
N ARG C 169 3.08 8.40 38.44
CA ARG C 169 3.75 7.50 37.49
C ARG C 169 4.19 6.18 38.13
N LEU C 170 4.61 6.25 39.39
CA LEU C 170 5.01 5.05 40.10
C LEU C 170 3.81 4.12 40.30
N ALA C 171 2.65 4.72 40.57
CA ALA C 171 1.41 3.96 40.73
C ALA C 171 1.06 3.22 39.45
N GLN C 172 1.23 3.91 38.32
CA GLN C 172 0.97 3.29 37.01
C GLN C 172 1.99 2.20 36.72
N ALA C 173 3.26 2.49 37.02
CA ALA C 173 4.35 1.55 36.76
C ALA C 173 4.14 0.27 37.55
N GLN C 174 3.68 0.41 38.78
CA GLN C 174 3.44 -0.74 39.65
C GLN C 174 2.29 -1.58 39.10
N SER C 175 1.32 -0.91 38.49
CA SER C 175 0.18 -1.59 37.89
C SER C 175 0.59 -2.35 36.64
N ARG C 176 1.36 -1.69 35.78
CA ARG C 176 1.85 -2.30 34.55
C ARG C 176 2.75 -3.50 34.83
N ASN C 178 2.71 -5.44 37.59
CA ASN C 178 1.90 -6.52 38.15
C ASN C 178 1.00 -7.17 37.11
N ASN C 179 0.79 -6.49 35.99
CA ASN C 179 0.03 -7.05 34.88
C ASN C 179 0.94 -7.66 33.81
N GLY C 180 2.24 -7.64 34.07
CA GLY C 180 3.21 -8.19 33.14
C GLY C 180 3.24 -7.46 31.81
N LEU C 181 3.00 -6.16 31.84
CA LEU C 181 2.95 -5.36 30.63
C LEU C 181 4.30 -4.74 30.30
N VAL C 182 5.23 -4.82 31.25
CA VAL C 182 6.56 -4.24 31.06
C VAL C 182 7.39 -5.04 30.06
N ASP C 183 7.81 -4.39 28.98
CA ASP C 183 8.62 -5.02 27.96
C ASP C 183 10.11 -4.97 28.31
N ALA C 184 10.62 -6.08 28.82
CA ALA C 184 12.00 -6.16 29.28
C ALA C 184 13.02 -6.01 28.16
N SER C 185 12.58 -6.21 26.92
CA SER C 185 13.46 -6.09 25.77
C SER C 185 13.82 -4.63 25.51
N ASP C 186 13.08 -3.71 26.12
CA ASP C 186 13.29 -2.29 25.91
C ASP C 186 14.09 -1.66 27.05
N PHE C 187 14.49 -2.49 28.01
CA PHE C 187 15.38 -2.04 29.09
C PHE C 187 16.69 -1.58 28.49
N ASP C 188 17.34 -0.62 29.16
CA ASP C 188 18.68 -0.20 28.77
C ASP C 188 19.65 -1.36 28.95
N ASP C 189 20.74 -1.36 28.19
CA ASP C 189 21.70 -2.46 28.22
C ASP C 189 22.26 -2.70 29.63
N GLU C 190 22.28 -1.66 30.45
CA GLU C 190 22.75 -1.79 31.83
C GLU C 190 21.79 -2.59 32.71
N ARG C 191 20.59 -2.83 32.18
CA ARG C 191 19.60 -3.64 32.89
C ARG C 191 19.14 -4.81 32.03
N ASN C 192 19.92 -5.10 30.99
CA ASN C 192 19.68 -6.25 30.12
C ASN C 192 19.67 -7.54 30.93
N GLY C 193 18.52 -8.22 30.92
CA GLY C 193 18.39 -9.49 31.62
C GLY C 193 17.73 -9.35 32.97
N TRP C 194 17.75 -8.14 33.52
CA TRP C 194 17.10 -7.87 34.79
C TRP C 194 15.61 -8.18 34.72
N PRO C 195 15.09 -8.86 35.75
CA PRO C 195 13.64 -8.98 35.89
C PRO C 195 13.06 -7.63 36.31
N VAL C 196 11.84 -7.32 35.88
CA VAL C 196 11.23 -6.02 36.16
C VAL C 196 11.20 -5.73 37.67
N GLU C 197 11.05 -6.78 38.47
CA GLU C 197 11.01 -6.65 39.93
C GLU C 197 12.28 -6.02 40.49
N GLN C 198 13.41 -6.34 39.88
CA GLN C 198 14.69 -5.80 40.32
C GLN C 198 14.84 -4.34 39.93
N VAL C 199 14.34 -3.98 38.75
CA VAL C 199 14.35 -2.61 38.29
C VAL C 199 13.50 -1.78 39.25
N TRP C 200 12.36 -2.33 39.65
CA TRP C 200 11.46 -1.68 40.58
C TRP C 200 12.12 -1.46 41.95
N LYS C 201 12.78 -2.50 42.46
CA LYS C 201 13.43 -2.42 43.76
C LYS C 201 14.63 -1.48 43.75
N GLU C 202 15.45 -1.57 42.71
CA GLU C 202 16.65 -0.73 42.61
C GLU C 202 16.29 0.74 42.41
N HIS C 204 13.80 2.41 43.67
CA HIS C 204 13.37 3.03 44.92
C HIS C 204 14.52 3.40 45.85
N LYS C 205 15.68 2.78 45.63
CA LYS C 205 16.87 3.09 46.42
C LYS C 205 17.40 4.49 46.11
N LEU C 206 16.98 5.04 44.98
CA LEU C 206 17.36 6.39 44.60
C LEU C 206 16.50 7.41 45.33
N LEU C 207 15.26 7.03 45.60
CA LEU C 207 14.31 7.87 46.32
C LEU C 207 14.83 8.17 47.74
N PRO C 208 14.43 9.33 48.30
CA PRO C 208 13.60 10.35 47.66
C PRO C 208 14.42 11.52 47.14
N PHE C 209 13.73 12.50 46.56
CA PHE C 209 14.33 13.74 46.12
C PHE C 209 13.30 14.87 46.08
N SER C 210 13.77 16.10 46.21
CA SER C 210 12.88 17.26 46.19
C SER C 210 12.31 17.47 44.79
N PRO C 211 10.98 17.52 44.69
CA PRO C 211 10.29 17.73 43.42
C PRO C 211 10.56 19.11 42.83
N ASP C 212 10.81 19.16 41.53
CA ASP C 212 11.01 20.41 40.82
C ASP C 212 9.99 20.46 39.69
N SER C 213 8.74 20.68 40.05
CA SER C 213 7.60 20.47 39.15
C SER C 213 7.43 21.54 38.09
N VAL C 214 7.28 21.10 36.84
CA VAL C 214 6.98 21.97 35.71
C VAL C 214 6.02 21.24 34.78
N VAL C 215 5.63 21.91 33.70
CA VAL C 215 4.82 21.28 32.67
C VAL C 215 5.74 20.49 31.75
N THR C 216 5.62 19.16 31.79
CA THR C 216 6.53 18.31 31.01
C THR C 216 5.84 17.67 29.82
N HIS C 217 6.66 17.20 28.87
CA HIS C 217 6.17 16.52 27.68
C HIS C 217 5.86 15.05 27.99
N GLY C 218 6.76 14.40 28.73
CA GLY C 218 6.55 13.02 29.13
C GLY C 218 7.35 12.03 28.30
N ASP C 219 7.55 12.37 27.03
CA ASP C 219 8.38 11.57 26.13
C ASP C 219 9.10 12.50 25.18
N PHE C 220 9.99 13.32 25.73
CA PHE C 220 10.72 14.30 24.94
C PHE C 220 11.91 13.64 24.25
N SER C 221 11.61 12.76 23.29
CA SER C 221 12.64 12.05 22.55
C SER C 221 12.82 12.60 21.13
N LEU C 222 13.88 12.16 20.47
CA LEU C 222 14.28 12.73 19.18
C LEU C 222 13.33 12.45 18.02
N ASP C 223 12.46 11.44 18.16
CA ASP C 223 11.49 11.12 17.13
C ASP C 223 10.14 11.80 17.37
N ASN C 224 10.07 12.58 18.45
CA ASN C 224 8.85 13.31 18.76
C ASN C 224 8.99 14.80 18.46
N LEU C 225 10.18 15.20 18.05
CA LEU C 225 10.48 16.60 17.78
C LEU C 225 10.81 16.77 16.30
N ILE C 226 10.11 17.70 15.64
CA ILE C 226 10.18 17.82 14.19
C ILE C 226 10.79 19.12 13.68
N PHE C 227 11.82 18.99 12.84
CA PHE C 227 12.51 20.14 12.26
C PHE C 227 12.08 20.39 10.82
N ASP C 228 11.98 21.66 10.45
CA ASP C 228 11.67 22.04 9.07
C ASP C 228 12.34 23.36 8.73
N GLU C 229 13.05 23.39 7.61
CA GLU C 229 13.76 24.58 7.15
C GLU C 229 14.77 25.07 8.19
N GLY C 230 15.36 24.13 8.93
CA GLY C 230 16.34 24.46 9.95
C GLY C 230 15.73 25.00 11.23
N LYS C 231 14.43 24.75 11.41
CA LYS C 231 13.72 25.22 12.60
C LYS C 231 12.92 24.11 13.26
N LEU C 232 12.97 24.06 14.58
CA LEU C 232 12.14 23.13 15.34
C LEU C 232 10.73 23.69 15.40
N ILE C 233 9.83 23.14 14.59
CA ILE C 233 8.51 23.72 14.41
C ILE C 233 7.37 22.95 15.09
N GLY C 234 7.70 21.91 15.84
CA GLY C 234 6.66 21.19 16.55
C GLY C 234 7.05 19.90 17.25
N CYS C 235 6.22 19.49 18.19
CA CYS C 235 6.39 18.22 18.88
C CYS C 235 5.11 17.41 18.84
N ILE C 236 5.24 16.09 18.88
CA ILE C 236 4.10 15.19 18.81
C ILE C 236 4.20 14.15 19.93
N ASP C 237 3.28 13.18 19.91
CA ASP C 237 3.30 12.07 20.86
C ASP C 237 3.25 12.62 22.29
N VAL C 238 2.16 13.32 22.59
CA VAL C 238 2.08 14.10 23.83
C VAL C 238 1.15 13.47 24.87
N GLY C 239 0.99 12.15 24.80
CA GLY C 239 0.07 11.45 25.68
C GLY C 239 0.42 11.47 27.15
N ARG C 240 1.65 11.83 27.48
CA ARG C 240 2.09 11.85 28.88
C ARG C 240 2.30 13.26 29.41
N VAL C 241 1.86 14.25 28.65
CA VAL C 241 1.94 15.65 29.06
C VAL C 241 1.28 15.86 30.41
N GLY C 242 1.96 16.58 31.30
CA GLY C 242 1.44 16.88 32.62
C GLY C 242 2.51 17.40 33.56
N ILE C 243 2.12 17.62 34.80
CA ILE C 243 3.03 18.16 35.80
C ILE C 243 3.98 17.10 36.33
N ALA C 244 5.28 17.37 36.22
CA ALA C 244 6.30 16.46 36.75
C ALA C 244 7.60 17.22 36.92
N ASP C 245 8.61 16.54 37.44
CA ASP C 245 9.93 17.13 37.57
C ASP C 245 10.47 17.45 36.18
N ARG C 246 11.30 18.48 36.07
CA ARG C 246 11.87 18.87 34.79
C ARG C 246 12.78 17.78 34.23
N TYR C 247 13.26 16.91 35.11
CA TYR C 247 14.13 15.83 34.70
C TYR C 247 13.38 14.71 33.99
N GLN C 248 12.06 14.76 34.03
CA GLN C 248 11.25 13.82 33.26
C GLN C 248 11.53 14.01 31.77
N ASP C 249 11.66 15.26 31.35
CA ASP C 249 11.99 15.56 29.97
C ASP C 249 13.50 15.55 29.72
N LEU C 250 14.25 16.01 30.72
CA LEU C 250 15.70 16.11 30.58
C LEU C 250 16.37 14.74 30.46
N ALA C 251 15.90 13.78 31.24
CA ALA C 251 16.49 12.45 31.24
C ALA C 251 16.30 11.75 29.89
N ILE C 252 15.07 11.76 29.38
CA ILE C 252 14.75 11.08 28.13
C ILE C 252 15.60 11.60 26.98
N LEU C 253 15.65 12.93 26.85
CA LEU C 253 16.40 13.55 25.77
C LEU C 253 17.90 13.31 25.92
N TRP C 254 18.38 13.37 27.16
CA TRP C 254 19.79 13.15 27.46
C TRP C 254 20.22 11.74 27.09
N ASN C 255 19.32 10.78 27.31
CA ASN C 255 19.59 9.39 26.96
C ASN C 255 19.64 9.20 25.45
N CYS C 256 18.69 9.83 24.75
CA CYS C 256 18.61 9.73 23.30
C CYS C 256 19.86 10.31 22.62
N LEU C 257 20.41 11.36 23.21
CA LEU C 257 21.60 12.00 22.67
C LEU C 257 22.85 11.14 22.90
N GLY C 258 22.74 10.17 23.79
CA GLY C 258 23.85 9.26 24.06
C GLY C 258 24.15 8.35 22.90
N GLU C 259 23.14 8.12 22.06
CA GLU C 259 23.30 7.28 20.88
C GLU C 259 24.21 7.95 19.87
N PHE C 260 24.30 9.28 19.95
CA PHE C 260 25.10 10.05 19.01
C PHE C 260 26.45 10.47 19.61
N SER C 261 26.40 11.28 20.66
CA SER C 261 27.62 11.75 21.30
C SER C 261 27.37 12.28 22.71
N PRO C 262 28.29 12.00 23.63
CA PRO C 262 28.22 12.54 24.99
C PRO C 262 28.44 14.05 24.98
N SER C 263 29.04 14.54 23.90
CA SER C 263 29.23 15.96 23.70
C SER C 263 27.88 16.66 23.54
N LEU C 264 26.95 15.98 22.88
CA LEU C 264 25.60 16.49 22.70
C LEU C 264 24.83 16.46 24.02
N GLN C 265 25.08 15.42 24.81
CA GLN C 265 24.51 15.31 26.14
C GLN C 265 25.00 16.45 27.03
N LYS C 266 26.29 16.76 26.89
CA LYS C 266 26.92 17.87 27.60
C LYS C 266 26.21 19.18 27.28
N ARG C 267 26.08 19.47 26.00
CA ARG C 267 25.56 20.74 25.53
C ARG C 267 24.11 20.97 25.94
N LEU C 268 23.35 19.89 26.06
CA LEU C 268 21.95 19.98 26.45
C LEU C 268 21.78 20.65 27.81
N PHE C 269 22.46 20.12 28.82
CA PHE C 269 22.40 20.70 30.16
C PHE C 269 23.00 22.09 30.21
N GLN C 270 23.98 22.34 29.34
CA GLN C 270 24.60 23.66 29.27
C GLN C 270 23.63 24.70 28.73
N LYS C 271 22.95 24.37 27.63
CA LYS C 271 22.05 25.32 26.98
C LYS C 271 20.70 25.42 27.70
N TYR C 272 20.35 24.37 28.44
CA TYR C 272 19.11 24.38 29.21
C TYR C 272 19.24 25.28 30.43
N GLY C 273 20.42 25.29 31.04
CA GLY C 273 20.69 26.17 32.16
C GLY C 273 20.98 25.48 33.48
N ILE C 274 21.57 24.29 33.41
CA ILE C 274 21.95 23.56 34.62
C ILE C 274 23.45 23.26 34.62
N ASP C 275 24.14 23.80 35.62
CA ASP C 275 25.59 23.64 35.71
C ASP C 275 25.96 22.24 36.16
N ASN C 276 25.46 21.83 37.32
CA ASN C 276 25.72 20.51 37.85
C ASN C 276 24.46 19.64 37.88
N PRO C 277 24.25 18.87 36.80
CA PRO C 277 23.04 18.04 36.64
C PRO C 277 22.89 16.99 37.73
N ASP C 278 21.67 16.83 38.23
CA ASP C 278 21.38 15.82 39.23
C ASP C 278 21.36 14.44 38.59
N ASN C 280 21.36 11.55 40.08
CA ASN C 280 20.45 10.66 40.79
C ASN C 280 19.01 10.84 40.31
N LYS C 281 18.63 12.09 40.03
CA LYS C 281 17.33 12.37 39.46
C LYS C 281 17.27 11.95 38.00
N LEU C 282 18.41 12.07 37.33
CA LEU C 282 18.53 11.67 35.93
C LEU C 282 18.35 10.16 35.83
N GLN C 283 19.00 9.43 36.74
CA GLN C 283 18.94 7.98 36.76
C GLN C 283 17.53 7.47 37.09
N PHE C 284 16.85 8.16 38.01
CA PHE C 284 15.51 7.76 38.42
C PHE C 284 14.51 7.75 37.26
N HIS C 285 14.45 8.86 36.53
CA HIS C 285 13.47 9.00 35.46
C HIS C 285 13.76 8.06 34.29
N LEU C 286 15.03 7.75 34.09
CA LEU C 286 15.43 6.79 33.06
C LEU C 286 14.95 5.38 33.42
N LEU C 288 12.36 4.84 35.48
CA LEU C 288 10.91 4.94 35.48
C LEU C 288 10.36 4.72 34.07
N ASP C 289 11.02 5.30 33.08
CA ASP C 289 10.57 5.24 31.69
C ASP C 289 10.55 3.81 31.14
N GLU C 290 11.28 2.91 31.78
CA GLU C 290 11.37 1.53 31.30
C GLU C 290 10.14 0.69 31.69
N PHE C 291 9.26 1.27 32.50
CA PHE C 291 8.01 0.60 32.87
C PHE C 291 6.91 0.92 31.87
N PHE C 292 7.22 1.81 30.93
CA PHE C 292 6.24 2.27 29.96
C PHE C 292 6.70 2.02 28.52
#